data_1D76
# 
_entry.id   1D76 
# 
_audit_conform.dict_name       mmcif_pdbx.dic 
_audit_conform.dict_version    5.385 
_audit_conform.dict_location   http://mmcif.pdb.org/dictionaries/ascii/mmcif_pdbx.dic 
# 
loop_
_database_2.database_id 
_database_2.database_code 
_database_2.pdbx_database_accession 
_database_2.pdbx_DOI 
PDB   1D76         pdb_00001d76 10.2210/pdb1d76/pdb 
RCSB  ZDFB31       ?            ?                   
WWPDB D_1000172674 ?            ?                   
# 
loop_
_pdbx_audit_revision_history.ordinal 
_pdbx_audit_revision_history.data_content_type 
_pdbx_audit_revision_history.major_revision 
_pdbx_audit_revision_history.minor_revision 
_pdbx_audit_revision_history.revision_date 
1 'Structure model' 1 0 1992-09-15 
2 'Structure model' 1 1 2008-05-22 
3 'Structure model' 1 2 2011-07-13 
4 'Structure model' 1 3 2018-04-18 
5 'Structure model' 1 4 2024-02-07 
# 
_pdbx_audit_revision_details.ordinal             1 
_pdbx_audit_revision_details.revision_ordinal    1 
_pdbx_audit_revision_details.data_content_type   'Structure model' 
_pdbx_audit_revision_details.provider            repository 
_pdbx_audit_revision_details.type                'Initial release' 
_pdbx_audit_revision_details.description         ? 
_pdbx_audit_revision_details.details             ? 
# 
loop_
_pdbx_audit_revision_group.ordinal 
_pdbx_audit_revision_group.revision_ordinal 
_pdbx_audit_revision_group.data_content_type 
_pdbx_audit_revision_group.group 
1 2 'Structure model' 'Version format compliance' 
2 3 'Structure model' 'Version format compliance' 
3 4 'Structure model' 'Data collection'           
4 5 'Structure model' 'Data collection'           
5 5 'Structure model' 'Database references'       
6 5 'Structure model' 'Derived calculations'      
# 
loop_
_pdbx_audit_revision_category.ordinal 
_pdbx_audit_revision_category.revision_ordinal 
_pdbx_audit_revision_category.data_content_type 
_pdbx_audit_revision_category.category 
1 4 'Structure model' diffrn_detector 
2 5 'Structure model' chem_comp_atom  
3 5 'Structure model' chem_comp_bond  
4 5 'Structure model' database_2      
5 5 'Structure model' struct_conn     
# 
loop_
_pdbx_audit_revision_item.ordinal 
_pdbx_audit_revision_item.revision_ordinal 
_pdbx_audit_revision_item.data_content_type 
_pdbx_audit_revision_item.item 
1 4 'Structure model' '_diffrn_detector.detector'           
2 5 'Structure model' '_database_2.pdbx_DOI'                
3 5 'Structure model' '_database_2.pdbx_database_accession' 
4 5 'Structure model' '_struct_conn.pdbx_leaving_atom_flag' 
# 
_pdbx_database_status.status_code                     REL 
_pdbx_database_status.entry_id                        1D76 
_pdbx_database_status.recvd_initial_deposition_date   1992-05-19 
_pdbx_database_status.deposit_site                    BNL 
_pdbx_database_status.process_site                    NDB 
_pdbx_database_status.status_code_sf                  REL 
_pdbx_database_status.status_code_mr                  ? 
_pdbx_database_status.SG_entry                        ? 
_pdbx_database_status.pdb_format_compatible           Y 
_pdbx_database_status.status_code_cs                  ? 
_pdbx_database_status.methods_development_category    ? 
_pdbx_database_status.status_code_nmr_data            ? 
# 
loop_
_audit_author.name 
_audit_author.pdbx_ordinal 
'Schneider, B.' 1 
'Ginell, S.L.'  2 
'Jones, R.'     3 
'Gaffney, B.'   4 
'Berman, H.M.'  5 
# 
_citation.id                        primary 
_citation.title                     
;Crystal and molecular structure of a DNA fragment containing a 2-aminoadenine modification: the relationship between conformation, packing, and hydration in Z-DNA hexamers.
;
_citation.journal_abbrev            Biochemistry 
_citation.journal_volume            31 
_citation.page_first                9622 
_citation.page_last                 9628 
_citation.year                      1992 
_citation.journal_id_ASTM           BICHAW 
_citation.country                   US 
_citation.journal_id_ISSN           0006-2960 
_citation.journal_id_CSD            0033 
_citation.book_publisher            ? 
_citation.pdbx_database_id_PubMed   1390739 
_citation.pdbx_database_id_DOI      10.1021/bi00155a014 
# 
loop_
_citation_author.citation_id 
_citation_author.name 
_citation_author.ordinal 
_citation_author.identifier_ORCID 
primary 'Schneider, B.' 1 ? 
primary 'Ginell, S.L.'  2 ? 
primary 'Jones, R.'     3 ? 
primary 'Gaffney, B.'   4 ? 
primary 'Berman, H.M.'  5 ? 
# 
loop_
_entity.id 
_entity.type 
_entity.src_method 
_entity.pdbx_description 
_entity.formula_weight 
_entity.pdbx_number_of_molecules 
_entity.pdbx_ec 
_entity.pdbx_mutation 
_entity.pdbx_fragment 
_entity.details 
1 polymer syn 
;DNA (5'-D(*CP*GP*UP*(1AP)P*CP*G)-3')
;
1810.205 2  ? ? ? ? 
2 water   nat water                                  18.015   84 ? ? ? ? 
# 
_entity_poly.entity_id                      1 
_entity_poly.type                           polydeoxyribonucleotide 
_entity_poly.nstd_linkage                   no 
_entity_poly.nstd_monomer                   yes 
_entity_poly.pdbx_seq_one_letter_code       '(DC)(DG)(DU)(1AP)(DC)(DG)' 
_entity_poly.pdbx_seq_one_letter_code_can   CGUACG 
_entity_poly.pdbx_strand_id                 A,B 
_entity_poly.pdbx_target_identifier         ? 
# 
_pdbx_entity_nonpoly.entity_id   2 
_pdbx_entity_nonpoly.name        water 
_pdbx_entity_nonpoly.comp_id     HOH 
# 
loop_
_entity_poly_seq.entity_id 
_entity_poly_seq.num 
_entity_poly_seq.mon_id 
_entity_poly_seq.hetero 
1 1 DC  n 
1 2 DG  n 
1 3 DU  n 
1 4 1AP n 
1 5 DC  n 
1 6 DG  n 
# 
loop_
_chem_comp.id 
_chem_comp.type 
_chem_comp.mon_nstd_flag 
_chem_comp.name 
_chem_comp.pdbx_synonyms 
_chem_comp.formula 
_chem_comp.formula_weight 
1AP 'DNA linking' n '2,6-DIAMINOPURINE NUCLEOTIDE'       ? 'C10 H15 N6 O6 P' 346.236 
DC  'DNA linking' y "2'-DEOXYCYTIDINE-5'-MONOPHOSPHATE"  ? 'C9 H14 N3 O7 P'  307.197 
DG  'DNA linking' y "2'-DEOXYGUANOSINE-5'-MONOPHOSPHATE" ? 'C10 H14 N5 O7 P' 347.221 
DU  'DNA linking' y "2'-DEOXYURIDINE-5'-MONOPHOSPHATE"   ? 'C9 H13 N2 O8 P'  308.182 
HOH non-polymer   . WATER                                ? 'H2 O'            18.015  
# 
loop_
_pdbx_poly_seq_scheme.asym_id 
_pdbx_poly_seq_scheme.entity_id 
_pdbx_poly_seq_scheme.seq_id 
_pdbx_poly_seq_scheme.mon_id 
_pdbx_poly_seq_scheme.ndb_seq_num 
_pdbx_poly_seq_scheme.pdb_seq_num 
_pdbx_poly_seq_scheme.auth_seq_num 
_pdbx_poly_seq_scheme.pdb_mon_id 
_pdbx_poly_seq_scheme.auth_mon_id 
_pdbx_poly_seq_scheme.pdb_strand_id 
_pdbx_poly_seq_scheme.pdb_ins_code 
_pdbx_poly_seq_scheme.hetero 
A 1 1 DC  1 1  1  DC  C  A . n 
A 1 2 DG  2 2  2  DG  G  A . n 
A 1 3 DU  3 3  3  DU  U  A . n 
A 1 4 1AP 4 4  4  1AP +A A . n 
A 1 5 DC  5 5  5  DC  C  A . n 
A 1 6 DG  6 6  6  DG  G  A . n 
B 1 1 DC  1 7  7  DC  C  B . n 
B 1 2 DG  2 8  8  DG  G  B . n 
B 1 3 DU  3 9  9  DU  U  B . n 
B 1 4 1AP 4 10 10 1AP +A B . n 
B 1 5 DC  5 11 11 DC  C  B . n 
B 1 6 DG  6 12 12 DG  G  B . n 
# 
loop_
_pdbx_nonpoly_scheme.asym_id 
_pdbx_nonpoly_scheme.entity_id 
_pdbx_nonpoly_scheme.mon_id 
_pdbx_nonpoly_scheme.ndb_seq_num 
_pdbx_nonpoly_scheme.pdb_seq_num 
_pdbx_nonpoly_scheme.auth_seq_num 
_pdbx_nonpoly_scheme.pdb_mon_id 
_pdbx_nonpoly_scheme.auth_mon_id 
_pdbx_nonpoly_scheme.pdb_strand_id 
_pdbx_nonpoly_scheme.pdb_ins_code 
C 2 HOH 1  18 18 HOH HOH A . 
C 2 HOH 2  19 19 HOH HOH A . 
C 2 HOH 3  20 20 HOH HOH A . 
C 2 HOH 4  22 22 HOH HOH A . 
C 2 HOH 5  27 27 HOH HOH A . 
C 2 HOH 6  28 28 HOH HOH A . 
C 2 HOH 7  33 33 HOH HOH A . 
C 2 HOH 8  36 36 HOH HOH A . 
C 2 HOH 9  39 39 HOH HOH A . 
C 2 HOH 10 40 40 HOH HOH A . 
C 2 HOH 11 41 41 HOH HOH A . 
C 2 HOH 12 44 44 HOH HOH A . 
C 2 HOH 13 46 46 HOH HOH A . 
C 2 HOH 14 53 53 HOH HOH A . 
C 2 HOH 15 55 55 HOH HOH A . 
C 2 HOH 16 56 56 HOH HOH A . 
C 2 HOH 17 60 60 HOH HOH A . 
C 2 HOH 18 61 61 HOH HOH A . 
C 2 HOH 19 62 62 HOH HOH A . 
C 2 HOH 20 64 64 HOH HOH A . 
C 2 HOH 21 67 67 HOH HOH A . 
C 2 HOH 22 68 68 HOH HOH A . 
C 2 HOH 23 69 69 HOH HOH A . 
C 2 HOH 24 71 71 HOH HOH A . 
C 2 HOH 25 72 72 HOH HOH A . 
C 2 HOH 26 75 75 HOH HOH A . 
C 2 HOH 27 76 76 HOH HOH A . 
C 2 HOH 28 77 77 HOH HOH A . 
C 2 HOH 29 78 78 HOH HOH A . 
C 2 HOH 30 79 79 HOH HOH A . 
C 2 HOH 31 81 81 HOH HOH A . 
C 2 HOH 32 82 82 HOH HOH A . 
C 2 HOH 33 83 83 HOH HOH A . 
C 2 HOH 34 84 84 HOH HOH A . 
C 2 HOH 35 91 91 HOH HOH A . 
C 2 HOH 36 92 92 HOH HOH A . 
C 2 HOH 37 95 95 HOH HOH A . 
C 2 HOH 38 96 96 HOH HOH A . 
D 2 HOH 1  13 13 HOH HOH B . 
D 2 HOH 2  14 14 HOH HOH B . 
D 2 HOH 3  15 15 HOH HOH B . 
D 2 HOH 4  16 16 HOH HOH B . 
D 2 HOH 5  17 17 HOH HOH B . 
D 2 HOH 6  21 21 HOH HOH B . 
D 2 HOH 7  23 23 HOH HOH B . 
D 2 HOH 8  24 24 HOH HOH B . 
D 2 HOH 9  25 25 HOH HOH B . 
D 2 HOH 10 26 26 HOH HOH B . 
D 2 HOH 11 29 29 HOH HOH B . 
D 2 HOH 12 30 30 HOH HOH B . 
D 2 HOH 13 31 31 HOH HOH B . 
D 2 HOH 14 32 32 HOH HOH B . 
D 2 HOH 15 34 34 HOH HOH B . 
D 2 HOH 16 35 35 HOH HOH B . 
D 2 HOH 17 37 37 HOH HOH B . 
D 2 HOH 18 38 38 HOH HOH B . 
D 2 HOH 19 42 42 HOH HOH B . 
D 2 HOH 20 43 43 HOH HOH B . 
D 2 HOH 21 45 45 HOH HOH B . 
D 2 HOH 22 47 47 HOH HOH B . 
D 2 HOH 23 48 48 HOH HOH B . 
D 2 HOH 24 49 49 HOH HOH B . 
D 2 HOH 25 50 50 HOH HOH B . 
D 2 HOH 26 51 51 HOH HOH B . 
D 2 HOH 27 52 52 HOH HOH B . 
D 2 HOH 28 54 54 HOH HOH B . 
D 2 HOH 29 57 57 HOH HOH B . 
D 2 HOH 30 58 58 HOH HOH B . 
D 2 HOH 31 59 59 HOH HOH B . 
D 2 HOH 32 63 63 HOH HOH B . 
D 2 HOH 33 65 65 HOH HOH B . 
D 2 HOH 34 66 66 HOH HOH B . 
D 2 HOH 35 70 70 HOH HOH B . 
D 2 HOH 36 73 73 HOH HOH B . 
D 2 HOH 37 74 74 HOH HOH B . 
D 2 HOH 38 80 80 HOH HOH B . 
D 2 HOH 39 85 85 HOH HOH B . 
D 2 HOH 40 86 86 HOH HOH B . 
D 2 HOH 41 87 87 HOH HOH B . 
D 2 HOH 42 88 88 HOH HOH B . 
D 2 HOH 43 89 89 HOH HOH B . 
D 2 HOH 44 90 90 HOH HOH B . 
D 2 HOH 45 93 93 HOH HOH B . 
D 2 HOH 46 94 94 HOH HOH B . 
# 
_software.name             NUCLSQ 
_software.classification   refinement 
_software.version          . 
_software.citation_id      ? 
_software.pdbx_ordinal     1 
# 
_cell.entry_id           1D76 
_cell.length_a           17.944 
_cell.length_b           31.282 
_cell.length_c           44.701 
_cell.angle_alpha        90.00 
_cell.angle_beta         90.00 
_cell.angle_gamma        90.00 
_cell.Z_PDB              8 
_cell.pdbx_unique_axis   ? 
# 
_symmetry.entry_id                         1D76 
_symmetry.space_group_name_H-M             'P 21 21 21' 
_symmetry.pdbx_full_space_group_name_H-M   ? 
_symmetry.cell_setting                     ? 
_symmetry.Int_Tables_number                19 
# 
_exptl.entry_id          1D76 
_exptl.method            'X-RAY DIFFRACTION' 
_exptl.crystals_number   ? 
# 
_exptl_crystal.id                    1 
_exptl_crystal.density_meas          ? 
_exptl_crystal.density_Matthews      1.73 
_exptl_crystal.density_percent_sol   27.6000 
_exptl_crystal.description           ? 
# 
_exptl_crystal_grow.crystal_id      1 
_exptl_crystal_grow.method          'VAPOR DIFFUSION' 
_exptl_crystal_grow.temp            277.00 
_exptl_crystal_grow.temp_details    ? 
_exptl_crystal_grow.pH              7.00 
_exptl_crystal_grow.pdbx_details    'pH 7.00, VAPOR DIFFUSION, temperature 277.00K' 
_exptl_crystal_grow.pdbx_pH_range   ? 
# 
loop_
_exptl_crystal_grow_comp.crystal_id 
_exptl_crystal_grow_comp.id 
_exptl_crystal_grow_comp.sol_id 
_exptl_crystal_grow_comp.name 
_exptl_crystal_grow_comp.volume 
_exptl_crystal_grow_comp.conc 
_exptl_crystal_grow_comp.details 
1 1 1 WATER           ? ? ? 
1 2 1 MPD             ? ? ? 
1 3 1 'NA CACODYLATE' ? ? ? 
1 4 1 MGCL2           ? ? ? 
1 5 1 SPERMINE_HCL    ? ? ? 
1 6 2 WATER           ? ? ? 
1 7 2 MPD             ? ? ? 
# 
_diffrn.id                     1 
_diffrn.ambient_temp           ? 
_diffrn.ambient_temp_details   'ROOM TEMPERATURE' 
_diffrn.crystal_id             1 
# 
_diffrn_detector.diffrn_id              1 
_diffrn_detector.detector               DIFFRACTOMETER 
_diffrn_detector.type                   'ENRAF-NONIUS CAD4' 
_diffrn_detector.pdbx_collection_date   ? 
_diffrn_detector.details                ? 
# 
_diffrn_radiation.diffrn_id                        1 
_diffrn_radiation.wavelength_id                    1 
_diffrn_radiation.pdbx_monochromatic_or_laue_m_l   ? 
_diffrn_radiation.monochromator                    ? 
_diffrn_radiation.pdbx_diffrn_protocol             ? 
_diffrn_radiation.pdbx_scattering_type             x-ray 
# 
_diffrn_radiation_wavelength.id           1 
_diffrn_radiation_wavelength.wavelength   . 
_diffrn_radiation_wavelength.wt           1.0 
# 
_diffrn_source.diffrn_id                   1 
_diffrn_source.source                      'ROTATING ANODE' 
_diffrn_source.type                        ? 
_diffrn_source.pdbx_synchrotron_site       ? 
_diffrn_source.pdbx_synchrotron_beamline   ? 
_diffrn_source.pdbx_wavelength             ? 
_diffrn_source.pdbx_wavelength_list        ? 
# 
_reflns.entry_id                     1D76 
_reflns.observed_criterion_sigma_I   2.000 
_reflns.observed_criterion_sigma_F   ? 
_reflns.d_resolution_low             45.000 
_reflns.d_resolution_high            1.020 
_reflns.number_obs                   5790 
_reflns.number_all                   13324 
_reflns.percent_possible_obs         ? 
_reflns.pdbx_Rmerge_I_obs            ? 
_reflns.pdbx_Rsym_value              ? 
_reflns.pdbx_netI_over_sigmaI        ? 
_reflns.B_iso_Wilson_estimate        ? 
_reflns.pdbx_redundancy              ? 
_reflns.pdbx_diffrn_id               1 
_reflns.pdbx_ordinal                 1 
# 
_refine.entry_id                                 1D76 
_refine.ls_number_reflns_obs                     4588 
_refine.ls_number_reflns_all                     ? 
_refine.pdbx_ls_sigma_I                          ? 
_refine.pdbx_ls_sigma_F                          4.000 
_refine.pdbx_data_cutoff_high_absF               ? 
_refine.pdbx_data_cutoff_low_absF                ? 
_refine.pdbx_data_cutoff_high_rms_absF           ? 
_refine.ls_d_res_low                             8.000 
_refine.ls_d_res_high                            1.300 
_refine.ls_percent_reflns_obs                    ? 
_refine.ls_R_factor_obs                          0.138 
_refine.ls_R_factor_all                          ? 
_refine.ls_R_factor_R_work                       ? 
_refine.ls_R_factor_R_free                       ? 
_refine.ls_R_factor_R_free_error                 ? 
_refine.ls_R_factor_R_free_error_details         ? 
_refine.ls_percent_reflns_R_free                 ? 
_refine.ls_number_reflns_R_free                  ? 
_refine.ls_number_parameters                     ? 
_refine.ls_number_restraints                     ? 
_refine.occupancy_min                            ? 
_refine.occupancy_max                            ? 
_refine.B_iso_mean                               ? 
_refine.aniso_B[1][1]                            ? 
_refine.aniso_B[2][2]                            ? 
_refine.aniso_B[3][3]                            ? 
_refine.aniso_B[1][2]                            ? 
_refine.aniso_B[1][3]                            ? 
_refine.aniso_B[2][3]                            ? 
_refine.solvent_model_details                    ? 
_refine.solvent_model_param_ksol                 ? 
_refine.solvent_model_param_bsol                 ? 
_refine.pdbx_ls_cross_valid_method               ? 
_refine.details                                  ? 
_refine.pdbx_starting_model                      ? 
_refine.pdbx_method_to_determine_struct          ? 
_refine.pdbx_isotropic_thermal_model             ? 
_refine.pdbx_stereochemistry_target_values       ? 
_refine.pdbx_stereochem_target_val_spec_case     ? 
_refine.pdbx_R_Free_selection_details            ? 
_refine.pdbx_overall_ESU_R                       ? 
_refine.pdbx_overall_ESU_R_Free                  ? 
_refine.overall_SU_ML                            ? 
_refine.overall_SU_B                             ? 
_refine.pdbx_refine_id                           'X-RAY DIFFRACTION' 
_refine.pdbx_diffrn_id                           1 
_refine.pdbx_TLS_residual_ADP_flag               ? 
_refine.correlation_coeff_Fo_to_Fc               ? 
_refine.correlation_coeff_Fo_to_Fc_free          ? 
_refine.pdbx_solvent_vdw_probe_radii             ? 
_refine.pdbx_solvent_ion_probe_radii             ? 
_refine.pdbx_solvent_shrinkage_radii             ? 
_refine.pdbx_overall_phase_error                 ? 
_refine.overall_SU_R_Cruickshank_DPI             ? 
_refine.pdbx_overall_SU_R_free_Cruickshank_DPI   ? 
_refine.pdbx_overall_SU_R_Blow_DPI               ? 
_refine.pdbx_overall_SU_R_free_Blow_DPI          ? 
# 
_refine_hist.pdbx_refine_id                   'X-RAY DIFFRACTION' 
_refine_hist.cycle_id                         LAST 
_refine_hist.pdbx_number_atoms_protein        0 
_refine_hist.pdbx_number_atoms_nucleic_acid   238 
_refine_hist.pdbx_number_atoms_ligand         2 
_refine_hist.number_atoms_solvent             84 
_refine_hist.number_atoms_total               324 
_refine_hist.d_res_high                       1.300 
_refine_hist.d_res_low                        8.000 
# 
_struct.entry_id                  1D76 
_struct.title                     
;CRYSTAL AND MOLECULAR STRUCTURE OF A DNA FRAGMENT CONTAINING A 2-AMINO ADENINE MODIFICATION: THE RELATIONSHIP BETWEEN CONFORMATION, PACKING, AND HYDRATION IN Z-DNA HEXAMERS
;
_struct.pdbx_model_details        ? 
_struct.pdbx_CASP_flag            ? 
_struct.pdbx_model_type_details   ? 
# 
_struct_keywords.entry_id        1D76 
_struct_keywords.pdbx_keywords   DNA 
_struct_keywords.text            'Z-DNA, DOUBLE HELIX, MODIFIED, DNA' 
# 
loop_
_struct_asym.id 
_struct_asym.pdbx_blank_PDB_chainid_flag 
_struct_asym.pdbx_modified 
_struct_asym.entity_id 
_struct_asym.details 
A N N 1 ? 
B N N 1 ? 
C N N 2 ? 
D N N 2 ? 
# 
_struct_ref.id                         1 
_struct_ref.entity_id                  1 
_struct_ref.db_name                    PDB 
_struct_ref.db_code                    1D76 
_struct_ref.pdbx_db_accession          1D76 
_struct_ref.pdbx_db_isoform            ? 
_struct_ref.pdbx_seq_one_letter_code   ? 
_struct_ref.pdbx_align_begin           ? 
# 
loop_
_struct_ref_seq.align_id 
_struct_ref_seq.ref_id 
_struct_ref_seq.pdbx_PDB_id_code 
_struct_ref_seq.pdbx_strand_id 
_struct_ref_seq.seq_align_beg 
_struct_ref_seq.pdbx_seq_align_beg_ins_code 
_struct_ref_seq.seq_align_end 
_struct_ref_seq.pdbx_seq_align_end_ins_code 
_struct_ref_seq.pdbx_db_accession 
_struct_ref_seq.db_align_beg 
_struct_ref_seq.pdbx_db_align_beg_ins_code 
_struct_ref_seq.db_align_end 
_struct_ref_seq.pdbx_db_align_end_ins_code 
_struct_ref_seq.pdbx_auth_seq_align_beg 
_struct_ref_seq.pdbx_auth_seq_align_end 
1 1 1D76 A 1 ? 6 ? 1D76 1 ? 6  ? 1 6  
2 1 1D76 B 1 ? 6 ? 1D76 7 ? 12 ? 7 12 
# 
_pdbx_struct_assembly.id                   1 
_pdbx_struct_assembly.details              author_defined_assembly 
_pdbx_struct_assembly.method_details       ? 
_pdbx_struct_assembly.oligomeric_details   dimeric 
_pdbx_struct_assembly.oligomeric_count     2 
# 
_pdbx_struct_assembly_gen.assembly_id       1 
_pdbx_struct_assembly_gen.oper_expression   1 
_pdbx_struct_assembly_gen.asym_id_list      A,B,C,D 
# 
_pdbx_struct_oper_list.id                   1 
_pdbx_struct_oper_list.type                 'identity operation' 
_pdbx_struct_oper_list.name                 1_555 
_pdbx_struct_oper_list.symmetry_operation   x,y,z 
_pdbx_struct_oper_list.matrix[1][1]         1.0000000000 
_pdbx_struct_oper_list.matrix[1][2]         0.0000000000 
_pdbx_struct_oper_list.matrix[1][3]         0.0000000000 
_pdbx_struct_oper_list.vector[1]            0.0000000000 
_pdbx_struct_oper_list.matrix[2][1]         0.0000000000 
_pdbx_struct_oper_list.matrix[2][2]         1.0000000000 
_pdbx_struct_oper_list.matrix[2][3]         0.0000000000 
_pdbx_struct_oper_list.vector[2]            0.0000000000 
_pdbx_struct_oper_list.matrix[3][1]         0.0000000000 
_pdbx_struct_oper_list.matrix[3][2]         0.0000000000 
_pdbx_struct_oper_list.matrix[3][3]         1.0000000000 
_pdbx_struct_oper_list.vector[3]            0.0000000000 
# 
_struct_biol.id   1 
# 
loop_
_struct_conn.id 
_struct_conn.conn_type_id 
_struct_conn.pdbx_leaving_atom_flag 
_struct_conn.pdbx_PDB_id 
_struct_conn.ptnr1_label_asym_id 
_struct_conn.ptnr1_label_comp_id 
_struct_conn.ptnr1_label_seq_id 
_struct_conn.ptnr1_label_atom_id 
_struct_conn.pdbx_ptnr1_label_alt_id 
_struct_conn.pdbx_ptnr1_PDB_ins_code 
_struct_conn.pdbx_ptnr1_standard_comp_id 
_struct_conn.ptnr1_symmetry 
_struct_conn.ptnr2_label_asym_id 
_struct_conn.ptnr2_label_comp_id 
_struct_conn.ptnr2_label_seq_id 
_struct_conn.ptnr2_label_atom_id 
_struct_conn.pdbx_ptnr2_label_alt_id 
_struct_conn.pdbx_ptnr2_PDB_ins_code 
_struct_conn.ptnr1_auth_asym_id 
_struct_conn.ptnr1_auth_comp_id 
_struct_conn.ptnr1_auth_seq_id 
_struct_conn.ptnr2_auth_asym_id 
_struct_conn.ptnr2_auth_comp_id 
_struct_conn.ptnr2_auth_seq_id 
_struct_conn.ptnr2_symmetry 
_struct_conn.pdbx_ptnr3_label_atom_id 
_struct_conn.pdbx_ptnr3_label_seq_id 
_struct_conn.pdbx_ptnr3_label_comp_id 
_struct_conn.pdbx_ptnr3_label_asym_id 
_struct_conn.pdbx_ptnr3_label_alt_id 
_struct_conn.pdbx_ptnr3_PDB_ins_code 
_struct_conn.details 
_struct_conn.pdbx_dist_value 
_struct_conn.pdbx_value_order 
_struct_conn.pdbx_role 
covale1  covale both ? A DU  3 "O3'" ? ? ? 1_555 A 1AP 4 P  ? ? A DU  3  A 1AP 4  1_555 ? ? ? ? ? ? ?                1.573 ? ? 
covale2  covale one  ? A 1AP 4 "O3'" ? ? ? 1_555 A DC  5 P  ? ? A 1AP 4  A DC  5  1_555 ? ? ? ? ? ? ?                1.624 ? ? 
covale3  covale both ? B DU  3 "O3'" ? ? ? 1_555 B 1AP 4 P  ? ? B DU  9  B 1AP 10 1_555 ? ? ? ? ? ? ?                1.564 ? ? 
covale4  covale one  ? B 1AP 4 "O3'" ? ? ? 1_555 B DC  5 P  ? ? B 1AP 10 B DC  11 1_555 ? ? ? ? ? ? ?                1.614 ? ? 
hydrog1  hydrog ?    ? A DC  1 N3    ? ? ? 1_555 B DG  6 N1 ? ? A DC  1  B DG  12 1_555 ? ? ? ? ? ? WATSON-CRICK     ?     ? ? 
hydrog2  hydrog ?    ? A DC  1 N4    ? ? ? 1_555 B DG  6 O6 ? ? A DC  1  B DG  12 1_555 ? ? ? ? ? ? WATSON-CRICK     ?     ? ? 
hydrog3  hydrog ?    ? A DC  1 O2    ? ? ? 1_555 B DG  6 N2 ? ? A DC  1  B DG  12 1_555 ? ? ? ? ? ? WATSON-CRICK     ?     ? ? 
hydrog4  hydrog ?    ? A DG  2 N1    ? ? ? 1_555 B DC  5 N3 ? ? A DG  2  B DC  11 1_555 ? ? ? ? ? ? WATSON-CRICK     ?     ? ? 
hydrog5  hydrog ?    ? A DG  2 N2    ? ? ? 1_555 B DC  5 O2 ? ? A DG  2  B DC  11 1_555 ? ? ? ? ? ? WATSON-CRICK     ?     ? ? 
hydrog6  hydrog ?    ? A DG  2 O6    ? ? ? 1_555 B DC  5 N4 ? ? A DG  2  B DC  11 1_555 ? ? ? ? ? ? WATSON-CRICK     ?     ? ? 
hydrog7  hydrog ?    ? A DU  3 O2    ? ? ? 1_555 B 1AP 4 N2 ? ? A DU  3  B 1AP 10 1_555 ? ? ? ? ? ? 'DU-1AP MISPAIR' ?     ? ? 
hydrog8  hydrog ?    ? A 1AP 4 N2    ? ? ? 1_555 B DU  3 O2 ? ? A 1AP 4  B DU  9  1_555 ? ? ? ? ? ? '1AP-DU MISPAIR' ?     ? ? 
hydrog9  hydrog ?    ? A DC  5 N3    ? ? ? 1_555 B DG  2 N1 ? ? A DC  5  B DG  8  1_555 ? ? ? ? ? ? WATSON-CRICK     ?     ? ? 
hydrog10 hydrog ?    ? A DC  5 N4    ? ? ? 1_555 B DG  2 O6 ? ? A DC  5  B DG  8  1_555 ? ? ? ? ? ? WATSON-CRICK     ?     ? ? 
hydrog11 hydrog ?    ? A DC  5 O2    ? ? ? 1_555 B DG  2 N2 ? ? A DC  5  B DG  8  1_555 ? ? ? ? ? ? WATSON-CRICK     ?     ? ? 
hydrog12 hydrog ?    ? A DG  6 N1    ? ? ? 1_555 B DC  1 N3 ? ? A DG  6  B DC  7  1_555 ? ? ? ? ? ? WATSON-CRICK     ?     ? ? 
hydrog13 hydrog ?    ? A DG  6 N2    ? ? ? 1_555 B DC  1 O2 ? ? A DG  6  B DC  7  1_555 ? ? ? ? ? ? WATSON-CRICK     ?     ? ? 
hydrog14 hydrog ?    ? A DG  6 O6    ? ? ? 1_555 B DC  1 N4 ? ? A DG  6  B DC  7  1_555 ? ? ? ? ? ? WATSON-CRICK     ?     ? ? 
# 
loop_
_struct_conn_type.id 
_struct_conn_type.criteria 
_struct_conn_type.reference 
covale ? ? 
hydrog ? ? 
# 
_pdbx_validate_close_contact.id               1 
_pdbx_validate_close_contact.PDB_model_num    1 
_pdbx_validate_close_contact.auth_atom_id_1   OP2 
_pdbx_validate_close_contact.auth_asym_id_1   A 
_pdbx_validate_close_contact.auth_comp_id_1   DU 
_pdbx_validate_close_contact.auth_seq_id_1    3 
_pdbx_validate_close_contact.PDB_ins_code_1   ? 
_pdbx_validate_close_contact.label_alt_id_1   ? 
_pdbx_validate_close_contact.auth_atom_id_2   O 
_pdbx_validate_close_contact.auth_asym_id_2   A 
_pdbx_validate_close_contact.auth_comp_id_2   HOH 
_pdbx_validate_close_contact.auth_seq_id_2    75 
_pdbx_validate_close_contact.PDB_ins_code_2   ? 
_pdbx_validate_close_contact.label_alt_id_2   ? 
_pdbx_validate_close_contact.dist             2.18 
# 
loop_
_pdbx_validate_rmsd_bond.id 
_pdbx_validate_rmsd_bond.PDB_model_num 
_pdbx_validate_rmsd_bond.auth_atom_id_1 
_pdbx_validate_rmsd_bond.auth_asym_id_1 
_pdbx_validate_rmsd_bond.auth_comp_id_1 
_pdbx_validate_rmsd_bond.auth_seq_id_1 
_pdbx_validate_rmsd_bond.PDB_ins_code_1 
_pdbx_validate_rmsd_bond.label_alt_id_1 
_pdbx_validate_rmsd_bond.auth_atom_id_2 
_pdbx_validate_rmsd_bond.auth_asym_id_2 
_pdbx_validate_rmsd_bond.auth_comp_id_2 
_pdbx_validate_rmsd_bond.auth_seq_id_2 
_pdbx_validate_rmsd_bond.PDB_ins_code_2 
_pdbx_validate_rmsd_bond.label_alt_id_2 
_pdbx_validate_rmsd_bond.bond_value 
_pdbx_validate_rmsd_bond.bond_target_value 
_pdbx_validate_rmsd_bond.bond_deviation 
_pdbx_validate_rmsd_bond.bond_standard_deviation 
_pdbx_validate_rmsd_bond.linker_flag 
1 1 "O4'" A DG 2 ? ? "C4'" A DG 2 ? ? 1.384 1.446 -0.062 0.010 N 
2 1 N3    B DC 7 ? ? C4    B DC 7 ? ? 1.381 1.335 0.046  0.007 N 
# 
loop_
_pdbx_validate_rmsd_angle.id 
_pdbx_validate_rmsd_angle.PDB_model_num 
_pdbx_validate_rmsd_angle.auth_atom_id_1 
_pdbx_validate_rmsd_angle.auth_asym_id_1 
_pdbx_validate_rmsd_angle.auth_comp_id_1 
_pdbx_validate_rmsd_angle.auth_seq_id_1 
_pdbx_validate_rmsd_angle.PDB_ins_code_1 
_pdbx_validate_rmsd_angle.label_alt_id_1 
_pdbx_validate_rmsd_angle.auth_atom_id_2 
_pdbx_validate_rmsd_angle.auth_asym_id_2 
_pdbx_validate_rmsd_angle.auth_comp_id_2 
_pdbx_validate_rmsd_angle.auth_seq_id_2 
_pdbx_validate_rmsd_angle.PDB_ins_code_2 
_pdbx_validate_rmsd_angle.label_alt_id_2 
_pdbx_validate_rmsd_angle.auth_atom_id_3 
_pdbx_validate_rmsd_angle.auth_asym_id_3 
_pdbx_validate_rmsd_angle.auth_comp_id_3 
_pdbx_validate_rmsd_angle.auth_seq_id_3 
_pdbx_validate_rmsd_angle.PDB_ins_code_3 
_pdbx_validate_rmsd_angle.label_alt_id_3 
_pdbx_validate_rmsd_angle.angle_value 
_pdbx_validate_rmsd_angle.angle_target_value 
_pdbx_validate_rmsd_angle.angle_deviation 
_pdbx_validate_rmsd_angle.angle_standard_deviation 
_pdbx_validate_rmsd_angle.linker_flag 
1  1 "O4'" A DC 1  ? ? "C1'" A DC 1  ? ? N1    A DC 1  ? ? 111.64 108.30 3.34  0.30 N 
2  1 C2    A DC 1  ? ? N3    A DC 1  ? ? C4    A DC 1  ? ? 124.55 119.90 4.65  0.50 N 
3  1 N3    A DC 1  ? ? C4    A DC 1  ? ? C5    A DC 1  ? ? 118.77 121.90 -3.13 0.40 N 
4  1 C5    A DC 1  ? ? C6    A DC 1  ? ? N1    A DC 1  ? ? 124.20 121.00 3.20  0.50 N 
5  1 N3    A DC 1  ? ? C4    A DC 1  ? ? N4    A DC 1  ? ? 122.92 118.00 4.92  0.70 N 
6  1 "O5'" A DG 2  ? ? "C5'" A DG 2  ? ? "C4'" A DG 2  ? ? 103.82 109.40 -5.58 0.80 N 
7  1 C5    A DG 2  ? ? C6    A DG 2  ? ? O6    A DG 2  ? ? 124.72 128.60 -3.88 0.60 N 
8  1 C2    A DU 3  ? ? N3    A DU 3  ? ? C4    A DU 3  ? ? 122.61 127.00 -4.39 0.60 N 
9  1 N3    A DU 3  ? ? C4    A DU 3  ? ? C5    A DU 3  ? ? 118.95 114.60 4.35  0.60 N 
10 1 N1    A DC 5  ? ? C2    A DC 5  ? ? O2    A DC 5  ? ? 122.56 118.90 3.66  0.60 N 
11 1 "O5'" A DG 6  ? ? "C5'" A DG 6  ? ? "C4'" A DG 6  ? ? 103.03 109.40 -6.37 0.80 N 
12 1 N3    B DC 7  ? ? C4    B DC 7  ? ? C5    B DC 7  ? ? 118.59 121.90 -3.31 0.40 N 
13 1 C5    B DC 7  ? ? C4    B DC 7  ? ? N4    B DC 7  ? ? 125.67 120.20 5.47  0.70 N 
14 1 "O4'" B DG 8  ? ? "C1'" B DG 8  ? ? "C2'" B DG 8  ? ? 110.07 106.80 3.27  0.50 N 
15 1 N9    B DG 8  ? ? C4    B DG 8  ? ? C5    B DG 8  ? ? 108.08 105.40 2.68  0.40 N 
16 1 "O4'" B DU 9  ? ? "C1'" B DU 9  ? ? N1    B DU 9  ? ? 111.03 108.30 2.73  0.30 N 
17 1 N1    B DU 9  ? ? C2    B DU 9  ? ? N3    B DU 9  ? ? 118.54 114.90 3.64  0.60 N 
18 1 C2    B DU 9  ? ? N3    B DU 9  ? ? C4    B DU 9  ? ? 121.44 127.00 -5.56 0.60 N 
19 1 N3    B DU 9  ? ? C4    B DU 9  ? ? C5    B DU 9  ? ? 119.40 114.60 4.80  0.60 N 
20 1 N3    B DC 11 ? ? C4    B DC 11 ? ? C5    B DC 11 ? ? 119.45 121.90 -2.45 0.40 N 
21 1 C5    B DC 11 ? ? C6    B DC 11 ? ? N1    B DC 11 ? ? 124.89 121.00 3.89  0.50 N 
22 1 N3    B DC 11 ? ? C4    B DC 11 ? ? N4    B DC 11 ? ? 124.44 118.00 6.44  0.70 N 
23 1 C5    B DC 11 ? ? C4    B DC 11 ? ? N4    B DC 11 ? ? 115.87 120.20 -4.33 0.70 N 
24 1 C5    B DG 12 ? ? C6    B DG 12 ? ? N1    B DG 12 ? ? 114.66 111.50 3.16  0.50 N 
25 1 C5    B DG 12 ? ? C6    B DG 12 ? ? O6    B DG 12 ? ? 124.50 128.60 -4.10 0.60 N 
# 
loop_
_pdbx_struct_mod_residue.id 
_pdbx_struct_mod_residue.label_asym_id 
_pdbx_struct_mod_residue.label_comp_id 
_pdbx_struct_mod_residue.label_seq_id 
_pdbx_struct_mod_residue.auth_asym_id 
_pdbx_struct_mod_residue.auth_comp_id 
_pdbx_struct_mod_residue.auth_seq_id 
_pdbx_struct_mod_residue.PDB_ins_code 
_pdbx_struct_mod_residue.parent_comp_id 
_pdbx_struct_mod_residue.details 
1 A 1AP 4 A 1AP 4  ? DA '2,6-DIAMINOPURINE NUCLEOTIDE' 
2 B 1AP 4 B 1AP 10 ? DA '2,6-DIAMINOPURINE NUCLEOTIDE' 
# 
loop_
_refine_B_iso.class 
_refine_B_iso.details 
_refine_B_iso.treatment 
_refine_B_iso.pdbx_refine_id 
'ALL ATOMS'       TR isotropic 'X-RAY DIFFRACTION' 
'WATERS 1 TO 70'  TR isotropic 'X-RAY DIFFRACTION' 
'WATERS 71 TO 84' TR isotropic 'X-RAY DIFFRACTION' 
# 
loop_
_refine_occupancy.class 
_refine_occupancy.treatment 
_refine_occupancy.pdbx_refine_id 
'ALL ATOMS'       fix 'X-RAY DIFFRACTION' 
'WATERS 1 TO 70'  fix 'X-RAY DIFFRACTION' 
'WATERS 71 TO 84' ref 'X-RAY DIFFRACTION' 
# 
loop_
_chem_comp_atom.comp_id 
_chem_comp_atom.atom_id 
_chem_comp_atom.type_symbol 
_chem_comp_atom.pdbx_aromatic_flag 
_chem_comp_atom.pdbx_stereo_config 
_chem_comp_atom.pdbx_ordinal 
1AP N1     N Y N 1   
1AP C2     C Y N 2   
1AP C4     C Y N 3   
1AP C5     C Y N 4   
1AP C6     C Y N 5   
1AP C8     C Y N 6   
1AP N2     N N N 7   
1AP N3     N Y N 8   
1AP N9     N Y N 9   
1AP N7     N Y N 10  
1AP N6     N N N 11  
1AP P      P N N 12  
1AP OP1    O N N 13  
1AP OP2    O N N 14  
1AP "O5'"  O N N 15  
1AP "C5'"  C N N 16  
1AP "C4'"  C N R 17  
1AP "O4'"  O N N 18  
1AP "C1'"  C N R 19  
1AP "C2'"  C N N 20  
1AP "C3'"  C N S 21  
1AP "O3'"  O N N 22  
1AP OP3    O N N 23  
1AP H81    H N N 24  
1AP HN21   H N N 25  
1AP HN22   H N N 26  
1AP HN61   H N N 27  
1AP HN62   H N N 28  
1AP H1P    H N N 29  
1AP H52    H N N 30  
1AP H51    H N N 31  
1AP H4     H N N 32  
1AP H11    H N N 33  
1AP H21    H N N 34  
1AP H22    H N N 35  
1AP H31    H N N 36  
1AP HO31   H N N 37  
1AP H3P    H N N 38  
DC  OP3    O N N 39  
DC  P      P N N 40  
DC  OP1    O N N 41  
DC  OP2    O N N 42  
DC  "O5'"  O N N 43  
DC  "C5'"  C N N 44  
DC  "C4'"  C N R 45  
DC  "O4'"  O N N 46  
DC  "C3'"  C N S 47  
DC  "O3'"  O N N 48  
DC  "C2'"  C N N 49  
DC  "C1'"  C N R 50  
DC  N1     N N N 51  
DC  C2     C N N 52  
DC  O2     O N N 53  
DC  N3     N N N 54  
DC  C4     C N N 55  
DC  N4     N N N 56  
DC  C5     C N N 57  
DC  C6     C N N 58  
DC  HOP3   H N N 59  
DC  HOP2   H N N 60  
DC  "H5'"  H N N 61  
DC  "H5''" H N N 62  
DC  "H4'"  H N N 63  
DC  "H3'"  H N N 64  
DC  "HO3'" H N N 65  
DC  "H2'"  H N N 66  
DC  "H2''" H N N 67  
DC  "H1'"  H N N 68  
DC  H41    H N N 69  
DC  H42    H N N 70  
DC  H5     H N N 71  
DC  H6     H N N 72  
DG  OP3    O N N 73  
DG  P      P N N 74  
DG  OP1    O N N 75  
DG  OP2    O N N 76  
DG  "O5'"  O N N 77  
DG  "C5'"  C N N 78  
DG  "C4'"  C N R 79  
DG  "O4'"  O N N 80  
DG  "C3'"  C N S 81  
DG  "O3'"  O N N 82  
DG  "C2'"  C N N 83  
DG  "C1'"  C N R 84  
DG  N9     N Y N 85  
DG  C8     C Y N 86  
DG  N7     N Y N 87  
DG  C5     C Y N 88  
DG  C6     C N N 89  
DG  O6     O N N 90  
DG  N1     N N N 91  
DG  C2     C N N 92  
DG  N2     N N N 93  
DG  N3     N N N 94  
DG  C4     C Y N 95  
DG  HOP3   H N N 96  
DG  HOP2   H N N 97  
DG  "H5'"  H N N 98  
DG  "H5''" H N N 99  
DG  "H4'"  H N N 100 
DG  "H3'"  H N N 101 
DG  "HO3'" H N N 102 
DG  "H2'"  H N N 103 
DG  "H2''" H N N 104 
DG  "H1'"  H N N 105 
DG  H8     H N N 106 
DG  H1     H N N 107 
DG  H21    H N N 108 
DG  H22    H N N 109 
DU  OP3    O N N 110 
DU  P      P N N 111 
DU  OP1    O N N 112 
DU  OP2    O N N 113 
DU  "O5'"  O N N 114 
DU  "C5'"  C N N 115 
DU  "C4'"  C N R 116 
DU  "O4'"  O N N 117 
DU  "C3'"  C N S 118 
DU  "O3'"  O N N 119 
DU  "C2'"  C N N 120 
DU  "C1'"  C N R 121 
DU  N1     N N N 122 
DU  C2     C N N 123 
DU  O2     O N N 124 
DU  N3     N N N 125 
DU  C4     C N N 126 
DU  O4     O N N 127 
DU  C5     C N N 128 
DU  C6     C N N 129 
DU  HOP3   H N N 130 
DU  HOP2   H N N 131 
DU  "H5'"  H N N 132 
DU  "H5''" H N N 133 
DU  "H4'"  H N N 134 
DU  "H3'"  H N N 135 
DU  "HO3'" H N N 136 
DU  "H2'"  H N N 137 
DU  "H2''" H N N 138 
DU  "H1'"  H N N 139 
DU  H3     H N N 140 
DU  H5     H N N 141 
DU  H6     H N N 142 
HOH O      O N N 143 
HOH H1     H N N 144 
HOH H2     H N N 145 
# 
loop_
_chem_comp_bond.comp_id 
_chem_comp_bond.atom_id_1 
_chem_comp_bond.atom_id_2 
_chem_comp_bond.value_order 
_chem_comp_bond.pdbx_aromatic_flag 
_chem_comp_bond.pdbx_stereo_config 
_chem_comp_bond.pdbx_ordinal 
1AP N1    C2     sing Y N 1   
1AP N1    C6     doub Y N 2   
1AP C2    N2     sing N N 3   
1AP C2    N3     doub Y N 4   
1AP C4    C5     doub Y N 5   
1AP C4    N3     sing Y N 6   
1AP C4    N9     sing Y N 7   
1AP C5    C6     sing Y N 8   
1AP C5    N7     sing Y N 9   
1AP C6    N6     sing N N 10  
1AP C8    N9     sing Y N 11  
1AP C8    N7     doub Y N 12  
1AP C8    H81    sing N N 13  
1AP N2    HN21   sing N N 14  
1AP N2    HN22   sing N N 15  
1AP N9    "C1'"  sing N N 16  
1AP N6    HN61   sing N N 17  
1AP N6    HN62   sing N N 18  
1AP P     OP1    sing N N 19  
1AP P     OP2    doub N N 20  
1AP P     "O5'"  sing N N 21  
1AP P     OP3    sing N N 22  
1AP OP1   H1P    sing N N 23  
1AP "O5'" "C5'"  sing N N 24  
1AP "C5'" "C4'"  sing N N 25  
1AP "C5'" H52    sing N N 26  
1AP "C5'" H51    sing N N 27  
1AP "C4'" "O4'"  sing N N 28  
1AP "C4'" "C3'"  sing N N 29  
1AP "C4'" H4     sing N N 30  
1AP "O4'" "C1'"  sing N N 31  
1AP "C1'" "C2'"  sing N N 32  
1AP "C1'" H11    sing N N 33  
1AP "C2'" "C3'"  sing N N 34  
1AP "C2'" H21    sing N N 35  
1AP "C2'" H22    sing N N 36  
1AP "C3'" "O3'"  sing N N 37  
1AP "C3'" H31    sing N N 38  
1AP "O3'" HO31   sing N N 39  
1AP OP3   H3P    sing N N 40  
DC  OP3   P      sing N N 41  
DC  OP3   HOP3   sing N N 42  
DC  P     OP1    doub N N 43  
DC  P     OP2    sing N N 44  
DC  P     "O5'"  sing N N 45  
DC  OP2   HOP2   sing N N 46  
DC  "O5'" "C5'"  sing N N 47  
DC  "C5'" "C4'"  sing N N 48  
DC  "C5'" "H5'"  sing N N 49  
DC  "C5'" "H5''" sing N N 50  
DC  "C4'" "O4'"  sing N N 51  
DC  "C4'" "C3'"  sing N N 52  
DC  "C4'" "H4'"  sing N N 53  
DC  "O4'" "C1'"  sing N N 54  
DC  "C3'" "O3'"  sing N N 55  
DC  "C3'" "C2'"  sing N N 56  
DC  "C3'" "H3'"  sing N N 57  
DC  "O3'" "HO3'" sing N N 58  
DC  "C2'" "C1'"  sing N N 59  
DC  "C2'" "H2'"  sing N N 60  
DC  "C2'" "H2''" sing N N 61  
DC  "C1'" N1     sing N N 62  
DC  "C1'" "H1'"  sing N N 63  
DC  N1    C2     sing N N 64  
DC  N1    C6     sing N N 65  
DC  C2    O2     doub N N 66  
DC  C2    N3     sing N N 67  
DC  N3    C4     doub N N 68  
DC  C4    N4     sing N N 69  
DC  C4    C5     sing N N 70  
DC  N4    H41    sing N N 71  
DC  N4    H42    sing N N 72  
DC  C5    C6     doub N N 73  
DC  C5    H5     sing N N 74  
DC  C6    H6     sing N N 75  
DG  OP3   P      sing N N 76  
DG  OP3   HOP3   sing N N 77  
DG  P     OP1    doub N N 78  
DG  P     OP2    sing N N 79  
DG  P     "O5'"  sing N N 80  
DG  OP2   HOP2   sing N N 81  
DG  "O5'" "C5'"  sing N N 82  
DG  "C5'" "C4'"  sing N N 83  
DG  "C5'" "H5'"  sing N N 84  
DG  "C5'" "H5''" sing N N 85  
DG  "C4'" "O4'"  sing N N 86  
DG  "C4'" "C3'"  sing N N 87  
DG  "C4'" "H4'"  sing N N 88  
DG  "O4'" "C1'"  sing N N 89  
DG  "C3'" "O3'"  sing N N 90  
DG  "C3'" "C2'"  sing N N 91  
DG  "C3'" "H3'"  sing N N 92  
DG  "O3'" "HO3'" sing N N 93  
DG  "C2'" "C1'"  sing N N 94  
DG  "C2'" "H2'"  sing N N 95  
DG  "C2'" "H2''" sing N N 96  
DG  "C1'" N9     sing N N 97  
DG  "C1'" "H1'"  sing N N 98  
DG  N9    C8     sing Y N 99  
DG  N9    C4     sing Y N 100 
DG  C8    N7     doub Y N 101 
DG  C8    H8     sing N N 102 
DG  N7    C5     sing Y N 103 
DG  C5    C6     sing N N 104 
DG  C5    C4     doub Y N 105 
DG  C6    O6     doub N N 106 
DG  C6    N1     sing N N 107 
DG  N1    C2     sing N N 108 
DG  N1    H1     sing N N 109 
DG  C2    N2     sing N N 110 
DG  C2    N3     doub N N 111 
DG  N2    H21    sing N N 112 
DG  N2    H22    sing N N 113 
DG  N3    C4     sing N N 114 
DU  OP3   P      sing N N 115 
DU  OP3   HOP3   sing N N 116 
DU  P     OP1    doub N N 117 
DU  P     OP2    sing N N 118 
DU  P     "O5'"  sing N N 119 
DU  OP2   HOP2   sing N N 120 
DU  "O5'" "C5'"  sing N N 121 
DU  "C5'" "C4'"  sing N N 122 
DU  "C5'" "H5'"  sing N N 123 
DU  "C5'" "H5''" sing N N 124 
DU  "C4'" "O4'"  sing N N 125 
DU  "C4'" "C3'"  sing N N 126 
DU  "C4'" "H4'"  sing N N 127 
DU  "O4'" "C1'"  sing N N 128 
DU  "C3'" "O3'"  sing N N 129 
DU  "C3'" "C2'"  sing N N 130 
DU  "C3'" "H3'"  sing N N 131 
DU  "O3'" "HO3'" sing N N 132 
DU  "C2'" "C1'"  sing N N 133 
DU  "C2'" "H2'"  sing N N 134 
DU  "C2'" "H2''" sing N N 135 
DU  "C1'" N1     sing N N 136 
DU  "C1'" "H1'"  sing N N 137 
DU  N1    C2     sing N N 138 
DU  N1    C6     sing N N 139 
DU  C2    O2     doub N N 140 
DU  C2    N3     sing N N 141 
DU  N3    C4     sing N N 142 
DU  N3    H3     sing N N 143 
DU  C4    O4     doub N N 144 
DU  C4    C5     sing N N 145 
DU  C5    C6     doub N N 146 
DU  C5    H5     sing N N 147 
DU  C6    H6     sing N N 148 
HOH O     H1     sing N N 149 
HOH O     H2     sing N N 150 
# 
loop_
_ndb_struct_conf_na.entry_id 
_ndb_struct_conf_na.feature 
1D76 'z-form double helix'  
1D76 'mismatched base pair' 
# 
loop_
_ndb_struct_na_base_pair.model_number 
_ndb_struct_na_base_pair.i_label_asym_id 
_ndb_struct_na_base_pair.i_label_comp_id 
_ndb_struct_na_base_pair.i_label_seq_id 
_ndb_struct_na_base_pair.i_symmetry 
_ndb_struct_na_base_pair.j_label_asym_id 
_ndb_struct_na_base_pair.j_label_comp_id 
_ndb_struct_na_base_pair.j_label_seq_id 
_ndb_struct_na_base_pair.j_symmetry 
_ndb_struct_na_base_pair.shear 
_ndb_struct_na_base_pair.stretch 
_ndb_struct_na_base_pair.stagger 
_ndb_struct_na_base_pair.buckle 
_ndb_struct_na_base_pair.propeller 
_ndb_struct_na_base_pair.opening 
_ndb_struct_na_base_pair.pair_number 
_ndb_struct_na_base_pair.pair_name 
_ndb_struct_na_base_pair.i_auth_asym_id 
_ndb_struct_na_base_pair.i_auth_seq_id 
_ndb_struct_na_base_pair.i_PDB_ins_code 
_ndb_struct_na_base_pair.j_auth_asym_id 
_ndb_struct_na_base_pair.j_auth_seq_id 
_ndb_struct_na_base_pair.j_PDB_ins_code 
_ndb_struct_na_base_pair.hbond_type_28 
_ndb_struct_na_base_pair.hbond_type_12 
1 A DC  1 1_555 B DG  6 1_555 -0.258 -0.142 0.090 1.199  0.566  2.298 1 A_DC1:DG12_B  A 1 ? B 12 ? 19 1 
1 A DG  2 1_555 B DC  5 1_555 0.266  -0.158 0.100 -5.450 -0.212 3.438 2 A_DG2:DC11_B  A 2 ? B 11 ? 19 1 
1 A DU  3 1_555 B 1AP 4 1_555 -0.074 -0.162 0.030 5.544  -3.439 5.325 3 A_DU3:1AP10_B A 3 ? B 10 ? ?  ? 
1 A 1AP 4 1_555 B DU  3 1_555 0.009  -0.132 0.109 -6.623 1.048  6.117 4 A_1AP4:DU9_B  A 4 ? B 9  ? ?  ? 
1 A DC  5 1_555 B DG  2 1_555 -0.180 -0.111 0.069 1.226  -0.885 2.197 5 A_DC5:DG8_B   A 5 ? B 8  ? 19 1 
1 A DG  6 1_555 B DC  1 1_555 0.217  -0.083 0.078 1.000  2.959  1.770 6 A_DG6:DC7_B   A 6 ? B 7  ? 19 1 
# 
loop_
_ndb_struct_na_base_pair_step.model_number 
_ndb_struct_na_base_pair_step.i_label_asym_id_1 
_ndb_struct_na_base_pair_step.i_label_comp_id_1 
_ndb_struct_na_base_pair_step.i_label_seq_id_1 
_ndb_struct_na_base_pair_step.i_symmetry_1 
_ndb_struct_na_base_pair_step.j_label_asym_id_1 
_ndb_struct_na_base_pair_step.j_label_comp_id_1 
_ndb_struct_na_base_pair_step.j_label_seq_id_1 
_ndb_struct_na_base_pair_step.j_symmetry_1 
_ndb_struct_na_base_pair_step.i_label_asym_id_2 
_ndb_struct_na_base_pair_step.i_label_comp_id_2 
_ndb_struct_na_base_pair_step.i_label_seq_id_2 
_ndb_struct_na_base_pair_step.i_symmetry_2 
_ndb_struct_na_base_pair_step.j_label_asym_id_2 
_ndb_struct_na_base_pair_step.j_label_comp_id_2 
_ndb_struct_na_base_pair_step.j_label_seq_id_2 
_ndb_struct_na_base_pair_step.j_symmetry_2 
_ndb_struct_na_base_pair_step.shift 
_ndb_struct_na_base_pair_step.slide 
_ndb_struct_na_base_pair_step.rise 
_ndb_struct_na_base_pair_step.tilt 
_ndb_struct_na_base_pair_step.roll 
_ndb_struct_na_base_pair_step.twist 
_ndb_struct_na_base_pair_step.x_displacement 
_ndb_struct_na_base_pair_step.y_displacement 
_ndb_struct_na_base_pair_step.helical_rise 
_ndb_struct_na_base_pair_step.inclination 
_ndb_struct_na_base_pair_step.tip 
_ndb_struct_na_base_pair_step.helical_twist 
_ndb_struct_na_base_pair_step.step_number 
_ndb_struct_na_base_pair_step.step_name 
_ndb_struct_na_base_pair_step.i_auth_asym_id_1 
_ndb_struct_na_base_pair_step.i_auth_seq_id_1 
_ndb_struct_na_base_pair_step.i_PDB_ins_code_1 
_ndb_struct_na_base_pair_step.j_auth_asym_id_1 
_ndb_struct_na_base_pair_step.j_auth_seq_id_1 
_ndb_struct_na_base_pair_step.j_PDB_ins_code_1 
_ndb_struct_na_base_pair_step.i_auth_asym_id_2 
_ndb_struct_na_base_pair_step.i_auth_seq_id_2 
_ndb_struct_na_base_pair_step.i_PDB_ins_code_2 
_ndb_struct_na_base_pair_step.j_auth_asym_id_2 
_ndb_struct_na_base_pair_step.j_auth_seq_id_2 
_ndb_struct_na_base_pair_step.j_PDB_ins_code_2 
1 A DC  1 1_555 B DG  6 1_555 A DG  2 1_555 B DC  5 1_555 0.197  5.356  3.710 -0.677 -3.169 -6.492  -25.245 -2.095 5.675 25.961 
-5.547 -7.255  1 AA_DC1DG2:DC11DG12_BB  A 1 ? B 12 ? A 2 ? B 11 ? 
1 A DG  2 1_555 B DC  5 1_555 A DU  3 1_555 B 1AP 4 1_555 -0.048 -1.073 3.259 0.501  -3.325 -49.612 1.517   -0.021 3.186 3.958  
0.597  -49.718 2 AA_DG2DU3:1AP10DC11_BB A 2 ? B 11 ? A 3 ? B 10 ? 
1 A DU  3 1_555 B 1AP 4 1_555 A 1AP 4 1_555 B DU  3 1_555 0.083  5.373  3.842 -0.722 -4.319 -9.424  -18.188 -1.460 5.720 24.618 
-4.116 -10.389 3 AA_DU31AP4:DU91AP10_BB A 3 ? B 10 ? A 4 ? B 9  ? 
1 A 1AP 4 1_555 B DU  3 1_555 A DC  5 1_555 B DG  2 1_555 -0.280 -0.932 3.346 0.354  -2.292 -51.661 1.226   -0.297 3.306 2.628  
0.406  -51.709 4 AA_1AP4DC5:DG8DU9_BB   A 4 ? B 9  ? A 5 ? B 8  ? 
1 A DC  5 1_555 B DG  2 1_555 A DG  6 1_555 B DC  1 1_555 0.088  5.265  3.533 1.401  -2.198 -9.055  -26.168 4.288  4.609 13.558 
8.639  -9.422  5 AA_DC5DG6:DC7DG8_BB    A 5 ? B 8  ? A 6 ? B 7  ? 
# 
_atom_sites.entry_id                    1D76 
_atom_sites.fract_transf_matrix[1][1]   0.03346599 
_atom_sites.fract_transf_matrix[1][2]   0.01672694 
_atom_sites.fract_transf_matrix[1][3]   0.04130325 
_atom_sites.fract_transf_matrix[2][1]   0.00786829 
_atom_sites.fract_transf_matrix[2][2]   0.02597273 
_atom_sites.fract_transf_matrix[2][3]   -0.01689368 
_atom_sites.fract_transf_matrix[3][1]   -0.01701962 
_atom_sites.fract_transf_matrix[3][2]   0.01118054 
_atom_sites.fract_transf_matrix[3][3]   0.00926228 
_atom_sites.fract_transf_vector[1]      0.770385 
_atom_sites.fract_transf_vector[2]      0.508649 
_atom_sites.fract_transf_vector[3]      0.628245 
# 
loop_
_atom_type.symbol 
C 
N 
O 
P 
# 
loop_
_atom_site.group_PDB 
_atom_site.id 
_atom_site.type_symbol 
_atom_site.label_atom_id 
_atom_site.label_alt_id 
_atom_site.label_comp_id 
_atom_site.label_asym_id 
_atom_site.label_entity_id 
_atom_site.label_seq_id 
_atom_site.pdbx_PDB_ins_code 
_atom_site.Cartn_x 
_atom_site.Cartn_y 
_atom_site.Cartn_z 
_atom_site.occupancy 
_atom_site.B_iso_or_equiv 
_atom_site.pdbx_formal_charge 
_atom_site.auth_seq_id 
_atom_site.auth_comp_id 
_atom_site.auth_asym_id 
_atom_site.auth_atom_id 
_atom_site.pdbx_PDB_model_num 
ATOM   1   O "O5'" . DC  A 1 1 ? 11.343  -1.569  -0.826  1.00 6.29  ? 1  DC  A "O5'" 1 
ATOM   2   C "C5'" . DC  A 1 1 ? 10.494  -1.784  0.336   1.00 5.57  ? 1  DC  A "C5'" 1 
ATOM   3   C "C4'" . DC  A 1 1 ? 9.477   -2.860  0.003   1.00 5.06  ? 1  DC  A "C4'" 1 
ATOM   4   O "O4'" . DC  A 1 1 ? 8.566   -2.402  -0.991  1.00 6.60  ? 1  DC  A "O4'" 1 
ATOM   5   C "C3'" . DC  A 1 1 ? 10.026  -4.159  -0.584  1.00 5.50  ? 1  DC  A "C3'" 1 
ATOM   6   O "O3'" . DC  A 1 1 ? 9.298   -5.205  0.000   1.00 5.85  ? 1  DC  A "O3'" 1 
ATOM   7   C "C2'" . DC  A 1 1 ? 9.748   -4.125  -2.076  1.00 5.06  ? 1  DC  A "C2'" 1 
ATOM   8   C "C1'" . DC  A 1 1 ? 8.469   -3.313  -2.111  1.00 8.04  ? 1  DC  A "C1'" 1 
ATOM   9   N N1    . DC  A 1 1 ? 8.308   -2.588  -3.392  1.00 5.08  ? 1  DC  A N1    1 
ATOM   10  C C2    . DC  A 1 1 ? 7.616   -3.221  -4.397  1.00 5.16  ? 1  DC  A C2    1 
ATOM   11  O O2    . DC  A 1 1 ? 7.091   -4.318  -4.220  1.00 6.21  ? 1  DC  A O2    1 
ATOM   12  N N3    . DC  A 1 1 ? 7.462   -2.533  -5.553  1.00 4.70  ? 1  DC  A N3    1 
ATOM   13  C C4    . DC  A 1 1 ? 8.012   -1.335  -5.805  1.00 2.44  ? 1  DC  A C4    1 
ATOM   14  N N4    . DC  A 1 1 ? 7.831   -0.688  -6.937  1.00 5.06  ? 1  DC  A N4    1 
ATOM   15  C C5    . DC  A 1 1 ? 8.749   -0.676  -4.758  1.00 6.02  ? 1  DC  A C5    1 
ATOM   16  C C6    . DC  A 1 1 ? 8.877   -1.362  -3.621  1.00 4.71  ? 1  DC  A C6    1 
ATOM   17  P P     . DG  A 1 2 ? 9.690   -5.959  1.316   1.00 9.09  ? 2  DG  A P     1 
ATOM   18  O OP1   . DG  A 1 2 ? 11.196  -5.998  1.478   1.00 10.03 ? 2  DG  A OP1   1 
ATOM   19  O OP2   . DG  A 1 2 ? 8.945   -7.200  1.317   1.00 14.57 ? 2  DG  A OP2   1 
ATOM   20  O "O5'" . DG  A 1 2 ? 9.245   -4.979  2.490   1.00 8.08  ? 2  DG  A "O5'" 1 
ATOM   21  C "C5'" . DG  A 1 2 ? 7.878   -4.717  2.784   1.00 6.16  ? 2  DG  A "C5'" 1 
ATOM   22  C "C4'" . DG  A 1 2 ? 7.934   -3.573  3.762   1.00 5.23  ? 2  DG  A "C4'" 1 
ATOM   23  O "O4'" . DG  A 1 2 ? 8.563   -2.458  3.237   1.00 7.85  ? 2  DG  A "O4'" 1 
ATOM   24  C "C3'" . DG  A 1 2 ? 6.495   -3.112  4.068   1.00 6.50  ? 2  DG  A "C3'" 1 
ATOM   25  O "O3'" . DG  A 1 2 ? 5.945   -3.889  5.109   1.00 9.08  ? 2  DG  A "O3'" 1 
ATOM   26  C "C2'" . DG  A 1 2 ? 6.712   -1.658  4.386   1.00 7.20  ? 2  DG  A "C2'" 1 
ATOM   27  C "C1'" . DG  A 1 2 ? 7.948   -1.229  3.721   1.00 7.08  ? 2  DG  A "C1'" 1 
ATOM   28  N N9    . DG  A 1 2 ? 7.755   -0.370  2.568   1.00 4.54  ? 2  DG  A N9    1 
ATOM   29  C C8    . DG  A 1 2 ? 8.449   0.795   2.307   1.00 6.45  ? 2  DG  A C8    1 
ATOM   30  N N7    . DG  A 1 2 ? 8.185   1.297   1.152   1.00 8.72  ? 2  DG  A N7    1 
ATOM   31  C C5    . DG  A 1 2 ? 7.322   0.362   0.555   1.00 8.79  ? 2  DG  A C5    1 
ATOM   32  C C6    . DG  A 1 2 ? 6.693   0.364   -0.743  1.00 6.86  ? 2  DG  A C6    1 
ATOM   33  O O6    . DG  A 1 2 ? 6.872   1.234   -1.618  1.00 9.47  ? 2  DG  A O6    1 
ATOM   34  N N1    . DG  A 1 2 ? 5.905   -0.727  -0.963  1.00 3.38  ? 2  DG  A N1    1 
ATOM   35  C C2    . DG  A 1 2 ? 5.731   -1.699  -0.064  1.00 5.98  ? 2  DG  A C2    1 
ATOM   36  N N2    . DG  A 1 2 ? 4.931   -2.689  -0.449  1.00 6.29  ? 2  DG  A N2    1 
ATOM   37  N N3    . DG  A 1 2 ? 6.276   -1.730  1.190   1.00 5.97  ? 2  DG  A N3    1 
ATOM   38  C C4    . DG  A 1 2 ? 7.070   -0.689  1.403   1.00 5.68  ? 2  DG  A C4    1 
ATOM   39  P P     . DU  A 1 3 ? 4.603   -4.798  4.970   1.00 13.36 ? 3  DU  A P     1 
ATOM   40  O OP1   . DU  A 1 3 ? 4.409   -5.462  6.345   1.00 16.72 ? 3  DU  A OP1   1 
ATOM   41  O OP2   . DU  A 1 3 ? 4.799   -5.804  3.934   1.00 15.38 ? 3  DU  A OP2   1 
ATOM   42  O "O5'" . DU  A 1 3 ? 3.494   -3.697  4.714   1.00 9.86  ? 3  DU  A "O5'" 1 
ATOM   43  C "C5'" . DU  A 1 3 ? 2.137   -3.840  5.252   1.00 8.28  ? 3  DU  A "C5'" 1 
ATOM   44  C "C4'" . DU  A 1 3 ? 1.227   -3.654  4.060   1.00 7.89  ? 3  DU  A "C4'" 1 
ATOM   45  O "O4'" . DU  A 1 3 ? 1.386   -2.259  3.650   1.00 7.66  ? 3  DU  A "O4'" 1 
ATOM   46  C "C3'" . DU  A 1 3 ? 1.472   -4.455  2.832   1.00 9.61  ? 3  DU  A "C3'" 1 
ATOM   47  O "O3'" . DU  A 1 3 ? 0.216   -4.753  2.155   1.00 9.82  ? 3  DU  A "O3'" 1 
ATOM   48  C "C2'" . DU  A 1 3 ? 2.228   -3.532  1.875   1.00 6.56  ? 3  DU  A "C2'" 1 
ATOM   49  C "C1'" . DU  A 1 3 ? 1.520   -2.211  2.218   1.00 5.33  ? 3  DU  A "C1'" 1 
ATOM   50  N N1    . DU  A 1 3 ? 2.310   -1.047  1.855   1.00 6.24  ? 3  DU  A N1    1 
ATOM   51  C C2    . DU  A 1 3 ? 2.181   -0.548  0.573   1.00 7.06  ? 3  DU  A C2    1 
ATOM   52  O O2    . DU  A 1 3 ? 1.431   -1.084  -0.245  1.00 9.25  ? 3  DU  A O2    1 
ATOM   53  N N3    . DU  A 1 3 ? 2.908   0.560   0.248   1.00 5.92  ? 3  DU  A N3    1 
ATOM   54  C C4    . DU  A 1 3 ? 3.741   1.182   1.135   1.00 3.83  ? 3  DU  A C4    1 
ATOM   55  O O4    . DU  A 1 3 ? 4.331   2.201   0.729   1.00 9.25  ? 3  DU  A O4    1 
ATOM   56  C C5    . DU  A 1 3 ? 3.838   0.670   2.471   1.00 7.31  ? 3  DU  A C5    1 
ATOM   57  C C6    . DU  A 1 3 ? 3.116   -0.413  2.766   1.00 5.77  ? 3  DU  A C6    1 
HETATM 58  N N1    . 1AP A 1 4 ? -0.554  0.140   4.163   1.00 5.39  ? 4  1AP A N1    1 
HETATM 59  C C2    . 1AP A 1 4 ? -1.387  -0.911  3.965   1.00 5.24  ? 4  1AP A C2    1 
HETATM 60  C C4    . 1AP A 1 4 ? -0.953  -1.713  6.001   1.00 2.96  ? 4  1AP A C4    1 
HETATM 61  C C5    . 1AP A 1 4 ? -0.038  -0.738  6.279   1.00 5.50  ? 4  1AP A C5    1 
HETATM 62  C C6    . 1AP A 1 4 ? 0.158   0.290   5.345   1.00 6.47  ? 4  1AP A C6    1 
HETATM 63  C C8    . 1AP A 1 4 ? -0.047  -2.093  7.951   1.00 7.36  ? 4  1AP A C8    1 
HETATM 64  N N2    . 1AP A 1 4 ? -2.028  -0.935  2.772   1.00 6.13  ? 4  1AP A N2    1 
HETATM 65  N N3    . 1AP A 1 4 ? -1.633  -1.886  4.831   1.00 5.91  ? 4  1AP A N3    1 
HETATM 66  N N9    . 1AP A 1 4 ? -1.006  -2.569  7.056   1.00 5.93  ? 4  1AP A N9    1 
HETATM 67  N N7    . 1AP A 1 4 ? 0.493   -0.970  7.525   1.00 8.75  ? 4  1AP A N7    1 
HETATM 68  N N6    . 1AP A 1 4 ? 0.986   1.328   5.475   1.00 7.89  ? 4  1AP A N6    1 
HETATM 69  P P     . 1AP A 1 4 ? -0.437  -6.172  2.345   1.00 11.72 ? 4  1AP A P     1 
HETATM 70  O OP1   . 1AP A 1 4 ? 0.551   -7.234  2.462   1.00 14.47 ? 4  1AP A OP1   1 
HETATM 71  O OP2   . 1AP A 1 4 ? -1.466  -6.189  1.253   1.00 16.31 ? 4  1AP A OP2   1 
HETATM 72  O "O5'" . 1AP A 1 4 ? -1.116  -6.181  3.831   1.00 10.07 ? 4  1AP A "O5'" 1 
HETATM 73  C "C5'" . 1AP A 1 4 ? -2.130  -5.157  4.033   1.00 9.87  ? 4  1AP A "C5'" 1 
HETATM 74  C "C4'" . 1AP A 1 4 ? -2.423  -5.178  5.530   1.00 5.72  ? 4  1AP A "C4'" 1 
HETATM 75  O "O4'" . 1AP A 1 4 ? -1.271  -4.729  6.187   1.00 6.62  ? 4  1AP A "O4'" 1 
HETATM 76  C "C1'" . 1AP A 1 4 ? -1.669  -3.851  7.268   1.00 4.65  ? 4  1AP A "C1'" 1 
HETATM 77  C "C2'" . 1AP A 1 4 ? -3.147  -3.730  7.246   1.00 7.29  ? 4  1AP A "C2'" 1 
HETATM 78  C "C3'" . 1AP A 1 4 ? -3.572  -4.269  5.906   1.00 5.84  ? 4  1AP A "C3'" 1 
HETATM 79  O "O3'" . 1AP A 1 4 ? -4.725  -5.098  5.964   1.00 7.84  ? 4  1AP A "O3'" 1 
ATOM   80  P P     . DC  A 1 5 ? -6.197  -4.493  6.286   1.00 9.17  ? 5  DC  A P     1 
ATOM   81  O OP1   . DC  A 1 5 ? -6.178  -3.648  7.493   1.00 10.92 ? 5  DC  A OP1   1 
ATOM   82  O OP2   . DC  A 1 5 ? -7.054  -5.701  6.255   1.00 10.69 ? 5  DC  A OP2   1 
ATOM   83  O "O5'" . DC  A 1 5 ? -6.470  -3.526  4.994   1.00 6.28  ? 5  DC  A "O5'" 1 
ATOM   84  C "C5'" . DC  A 1 5 ? -7.834  -3.050  4.776   1.00 5.88  ? 5  DC  A "C5'" 1 
ATOM   85  C "C4'" . DC  A 1 5 ? -7.758  -1.937  3.776   1.00 4.05  ? 5  DC  A "C4'" 1 
ATOM   86  O "O4'" . DC  A 1 5 ? -7.208  -0.809  4.388   1.00 4.35  ? 5  DC  A "O4'" 1 
ATOM   87  C "C3'" . DC  A 1 5 ? -6.876  -2.210  2.542   1.00 5.80  ? 5  DC  A "C3'" 1 
ATOM   88  O "O3'" . DC  A 1 5 ? -7.441  -1.655  1.363   1.00 6.29  ? 5  DC  A "O3'" 1 
ATOM   89  C "C2'" . DC  A 1 5 ? -5.579  -1.508  2.900   1.00 4.52  ? 5  DC  A "C2'" 1 
ATOM   90  C "C1'" . DC  A 1 5 ? -6.097  -0.299  3.641   1.00 5.38  ? 5  DC  A "C1'" 1 
ATOM   91  N N1    . DC  A 1 5 ? -5.107  0.260   4.594   1.00 3.57  ? 5  DC  A N1    1 
ATOM   92  C C2    . DC  A 1 5 ? -4.377  1.370   4.215   1.00 4.58  ? 5  DC  A C2    1 
ATOM   93  O O2    . DC  A 1 5 ? -4.479  1.880   3.099   1.00 6.50  ? 5  DC  A O2    1 
ATOM   94  N N3    . DC  A 1 5 ? -3.462  1.858   5.094   1.00 4.40  ? 5  DC  A N3    1 
ATOM   95  C C4    . DC  A 1 5 ? -3.270  1.268   6.320   1.00 4.11  ? 5  DC  A C4    1 
ATOM   96  N N4    . DC  A 1 5 ? -2.369  1.772   7.170   1.00 4.80  ? 5  DC  A N4    1 
ATOM   97  C C5    . DC  A 1 5 ? -4.013  0.129   6.696   1.00 5.26  ? 5  DC  A C5    1 
ATOM   98  C C6    . DC  A 1 5 ? -4.940  -0.320  5.824   1.00 6.91  ? 5  DC  A C6    1 
ATOM   99  P P     . DG  A 1 6 ? -8.395  -2.598  0.446   1.00 8.78  ? 6  DG  A P     1 
ATOM   100 O OP1   . DG  A 1 6 ? -7.897  -4.032  0.361   1.00 10.06 ? 6  DG  A OP1   1 
ATOM   101 O OP2   . DG  A 1 6 ? -8.523  -1.844  -0.753  1.00 12.19 ? 6  DG  A OP2   1 
ATOM   102 O "O5'" . DG  A 1 6 ? -9.786  -2.664  1.230   1.00 8.31  ? 6  DG  A "O5'" 1 
ATOM   103 C "C5'" . DG  A 1 6 ? -10.657 -1.556  1.326   1.00 3.42  ? 6  DG  A "C5'" 1 
ATOM   104 C "C4'" . DG  A 1 6 ? -11.846 -2.119  2.090   1.00 6.22  ? 6  DG  A "C4'" 1 
ATOM   105 O "O4'" . DG  A 1 6 ? -11.454 -2.422  3.422   1.00 5.56  ? 6  DG  A "O4'" 1 
ATOM   106 C "C3'" . DG  A 1 6 ? -13.020 -1.155  2.243   1.00 7.04  ? 6  DG  A "C3'" 1 
ATOM   107 O "O3'" . DG  A 1 6 ? -14.276 -1.835  2.290   1.00 9.08  ? 6  DG  A "O3'" 1 
ATOM   108 C "C2'" . DG  A 1 6 ? -12.737 -0.484  3.561   1.00 5.48  ? 6  DG  A "C2'" 1 
ATOM   109 C "C1'" . DG  A 1 6 ? -12.175 -1.632  4.372   1.00 4.44  ? 6  DG  A "C1'" 1 
ATOM   110 N N9    . DG  A 1 6 ? -11.260 -1.241  5.442   1.00 5.94  ? 6  DG  A N9    1 
ATOM   111 C C8    . DG  A 1 6 ? -11.105 -1.942  6.615   1.00 5.43  ? 6  DG  A C8    1 
ATOM   112 N N7    . DG  A 1 6 ? -10.172 -1.409  7.395   1.00 5.81  ? 6  DG  A N7    1 
ATOM   113 C C5    . DG  A 1 6 ? -9.664  -0.354  6.654   1.00 5.98  ? 6  DG  A C5    1 
ATOM   114 C C6    . DG  A 1 6 ? -8.654  0.593   6.958   1.00 4.99  ? 6  DG  A C6    1 
ATOM   115 O O6    . DG  A 1 6 ? -7.965  0.635   7.989   1.00 6.58  ? 6  DG  A O6    1 
ATOM   116 N N1    . DG  A 1 6 ? -8.412  1.504   5.957   1.00 4.87  ? 6  DG  A N1    1 
ATOM   117 C C2    . DG  A 1 6 ? -9.083  1.489   4.774   1.00 3.80  ? 6  DG  A C2    1 
ATOM   118 N N2    . DG  A 1 6 ? -8.735  2.410   3.860   1.00 4.46  ? 6  DG  A N2    1 
ATOM   119 N N3    . DG  A 1 6 ? -10.053 0.625   4.467   1.00 3.25  ? 6  DG  A N3    1 
ATOM   120 C C4    . DG  A 1 6 ? -10.299 -0.262  5.452   1.00 5.09  ? 6  DG  A C4    1 
ATOM   121 O "O5'" . DC  B 1 1 ? -3.171  8.824   6.752   1.00 11.19 ? 7  DC  B "O5'" 1 
ATOM   122 C "C5'" . DC  B 1 1 ? -2.502  8.831   5.477   1.00 6.90  ? 7  DC  B "C5'" 1 
ATOM   123 C "C4'" . DC  B 1 1 ? -3.396  8.176   4.464   1.00 3.78  ? 7  DC  B "C4'" 1 
ATOM   124 O "O4'" . DC  B 1 1 ? -3.558  6.767   4.778   1.00 6.37  ? 7  DC  B "O4'" 1 
ATOM   125 C "C3'" . DC  B 1 1 ? -4.817  8.660   4.301   1.00 7.35  ? 7  DC  B "C3'" 1 
ATOM   126 O "O3'" . DC  B 1 1 ? -5.212  8.709   2.922   1.00 5.67  ? 7  DC  B "O3'" 1 
ATOM   127 C "C2'" . DC  B 1 1 ? -5.696  7.638   4.991   1.00 6.45  ? 7  DC  B "C2'" 1 
ATOM   128 C "C1'" . DC  B 1 1 ? -4.925  6.399   4.694   1.00 5.17  ? 7  DC  B "C1'" 1 
ATOM   129 N N1    . DC  B 1 1 ? -5.096  5.372   5.752   1.00 5.43  ? 7  DC  B N1    1 
ATOM   130 C C2    . DC  B 1 1 ? -6.061  4.408   5.509   1.00 5.85  ? 7  DC  B C2    1 
ATOM   131 O O2    . DC  B 1 1 ? -6.725  4.412   4.477   1.00 6.24  ? 7  DC  B O2    1 
ATOM   132 N N3    . DC  B 1 1 ? -6.271  3.488   6.470   1.00 5.38  ? 7  DC  B N3    1 
ATOM   133 C C4    . DC  B 1 1 ? -5.519  3.443   7.627   1.00 5.14  ? 7  DC  B C4    1 
ATOM   134 N N4    . DC  B 1 1 ? -5.811  2.468   8.461   1.00 5.60  ? 7  DC  B N4    1 
ATOM   135 C C5    . DC  B 1 1 ? -4.515  4.431   7.825   1.00 5.16  ? 7  DC  B C5    1 
ATOM   136 C C6    . DC  B 1 1 ? -4.340  5.345   6.914   1.00 5.65  ? 7  DC  B C6    1 
ATOM   137 P P     . DG  B 1 2 ? -5.023  10.014  2.062   1.00 7.15  ? 8  DG  B P     1 
ATOM   138 O OP1   . DG  B 1 2 ? -5.283  11.231  2.805   1.00 8.78  ? 8  DG  B OP1   1 
ATOM   139 O OP2   . DG  B 1 2 ? -5.830  9.801   0.849   1.00 8.85  ? 8  DG  B OP2   1 
ATOM   140 O "O5'" . DG  B 1 2 ? -3.483  9.976   1.613   1.00 6.73  ? 8  DG  B "O5'" 1 
ATOM   141 C "C5'" . DG  B 1 2 ? -2.931  8.878   0.864   1.00 4.28  ? 8  DG  B "C5'" 1 
ATOM   142 C "C4'" . DG  B 1 2 ? -1.423  8.981   0.835   1.00 5.24  ? 8  DG  B "C4'" 1 
ATOM   143 O "O4'" . DG  B 1 2 ? -0.879  8.989   2.149   1.00 5.87  ? 8  DG  B "O4'" 1 
ATOM   144 C "C3'" . DG  B 1 2 ? -0.758  7.793   0.153   1.00 7.04  ? 8  DG  B "C3'" 1 
ATOM   145 O "O3'" . DG  B 1 2 ? -0.665  8.156   -1.216  1.00 6.60  ? 8  DG  B "O3'" 1 
ATOM   146 C "C2'" . DG  B 1 2 ? 0.587   7.591   0.849   1.00 4.41  ? 8  DG  B "C2'" 1 
ATOM   147 C "C1'" . DG  B 1 2 ? 0.367   8.312   2.167   1.00 2.84  ? 8  DG  B "C1'" 1 
ATOM   148 N N9    . DG  B 1 2 ? 0.303   7.388   3.316   1.00 4.39  ? 8  DG  B N9    1 
ATOM   149 C C8    . DG  B 1 2 ? 0.983   7.520   4.482   1.00 6.28  ? 8  DG  B C8    1 
ATOM   150 N N7    . DG  B 1 2 ? 0.735   6.552   5.356   1.00 7.64  ? 8  DG  B N7    1 
ATOM   151 C C5    . DG  B 1 2 ? -0.269  5.792   4.721   1.00 5.66  ? 8  DG  B C5    1 
ATOM   152 C C6    . DG  B 1 2 ? -0.960  4.649   5.164   1.00 5.16  ? 8  DG  B C6    1 
ATOM   153 O O6    . DG  B 1 2 ? -0.896  4.069   6.286   1.00 7.41  ? 8  DG  B O6    1 
ATOM   154 N N1    . DG  B 1 2 ? -1.877  4.154   4.250   1.00 6.05  ? 8  DG  B N1    1 
ATOM   155 C C2    . DG  B 1 2 ? -2.039  4.715   3.040   1.00 5.04  ? 8  DG  B C2    1 
ATOM   156 N N2    . DG  B 1 2 ? -2.979  4.155   2.233   1.00 5.29  ? 8  DG  B N2    1 
ATOM   157 N N3    . DG  B 1 2 ? -1.404  5.820   2.579   1.00 4.84  ? 8  DG  B N3    1 
ATOM   158 C C4    . DG  B 1 2 ? -0.510  6.296   3.496   1.00 4.81  ? 8  DG  B C4    1 
ATOM   159 P P     . DU  B 1 3 ? -1.428  7.369   -2.379  1.00 8.67  ? 9  DU  B P     1 
ATOM   160 O OP1   . DU  B 1 3 ? -1.262  8.193   -3.651  1.00 9.98  ? 9  DU  B OP1   1 
ATOM   161 O OP2   . DU  B 1 3 ? -2.833  7.184   -1.973  1.00 10.86 ? 9  DU  B OP2   1 
ATOM   162 O "O5'" . DU  B 1 3 ? -0.691  5.963   -2.458  1.00 7.54  ? 9  DU  B "O5'" 1 
ATOM   163 C "C5'" . DU  B 1 3 ? -0.471  5.305   -3.744  1.00 7.86  ? 9  DU  B "C5'" 1 
ATOM   164 C "C4'" . DU  B 1 3 ? -0.876  3.859   -3.528  1.00 5.98  ? 9  DU  B "C4'" 1 
ATOM   165 O "O4'" . DU  B 1 3 ? -0.017  3.274   -2.530  1.00 5.84  ? 9  DU  B "O4'" 1 
ATOM   166 C "C3'" . DU  B 1 3 ? -2.285  3.606   -3.040  1.00 4.55  ? 9  DU  B "C3'" 1 
ATOM   167 O "O3'" . DU  B 1 3 ? -2.859  2.433   -3.637  1.00 6.51  ? 9  DU  B "O3'" 1 
ATOM   168 C "C2'" . DU  B 1 3 ? -2.122  3.360   -1.549  1.00 3.16  ? 9  DU  B "C2'" 1 
ATOM   169 C "C1'" . DU  B 1 3 ? -0.794  2.648   -1.474  1.00 4.69  ? 9  DU  B "C1'" 1 
ATOM   170 N N1    . DU  B 1 3 ? -0.150  2.826   -0.173  1.00 4.00  ? 9  DU  B N1    1 
ATOM   171 C C2    . DU  B 1 3 ? -0.469  1.914   0.839   1.00 5.39  ? 9  DU  B C2    1 
ATOM   172 O O2    . DU  B 1 3 ? -1.316  1.039   0.663   1.00 5.42  ? 9  DU  B O2    1 
ATOM   173 N N3    . DU  B 1 3 ? 0.174   2.025   2.048   1.00 5.91  ? 9  DU  B N3    1 
ATOM   174 C C4    . DU  B 1 3 ? 1.090   3.026   2.287   1.00 4.89  ? 9  DU  B C4    1 
ATOM   175 O O4    . DU  B 1 3 ? 1.589   3.100   3.426   1.00 7.06  ? 9  DU  B O4    1 
ATOM   176 C C5    . DU  B 1 3 ? 1.452   3.909   1.227   1.00 4.39  ? 9  DU  B C5    1 
ATOM   177 C C6    . DU  B 1 3 ? 0.773   3.783   0.088   1.00 5.42  ? 9  DU  B C6    1 
HETATM 178 N N1    . 1AP B 1 4 ? 2.616   1.538   -2.505  1.00 7.19  ? 10 1AP B N1    1 
HETATM 179 C C2    . 1AP B 1 4 ? 1.846   0.917   -3.409  1.00 8.11  ? 10 1AP B C2    1 
HETATM 180 C C4    . 1AP B 1 4 ? 2.246   2.536   -4.889  1.00 4.52  ? 10 1AP B C4    1 
HETATM 181 C C5    . 1AP B 1 4 ? 3.053   3.231   -4.026  1.00 7.03  ? 10 1AP B C5    1 
HETATM 182 C C6    . 1AP B 1 4 ? 3.277   2.705   -2.733  1.00 8.26  ? 10 1AP B C6    1 
HETATM 183 C C8    . 1AP B 1 4 ? 2.945   4.393   -5.811  1.00 9.10  ? 10 1AP B C8    1 
HETATM 184 N N2    . 1AP B 1 4 ? 1.265   -0.216  -3.024  1.00 7.08  ? 10 1AP B N2    1 
HETATM 185 N N3    . 1AP B 1 4 ? 1.595   1.404   -4.642  1.00 5.33  ? 10 1AP B N3    1 
HETATM 186 N N9    . 1AP B 1 4 ? 2.169   3.281   -6.025  1.00 6.17  ? 10 1AP B N9    1 
HETATM 187 N N7    . 1AP B 1 4 ? 3.471   4.431   -4.601  1.00 7.41  ? 10 1AP B N7    1 
HETATM 188 N N6    . 1AP B 1 4 ? 4.004   3.295   -1.786  1.00 8.92  ? 10 1AP B N6    1 
HETATM 189 P P     . 1AP B 1 4 ? -3.638  2.404   -4.993  1.00 8.37  ? 10 1AP B P     1 
HETATM 190 O OP1   . 1AP B 1 4 ? -4.532  3.535   -5.073  1.00 8.94  ? 10 1AP B OP1   1 
HETATM 191 O OP2   . 1AP B 1 4 ? -4.283  1.035   -5.095  1.00 13.64 ? 10 1AP B OP2   1 
HETATM 192 O "O5'" . 1AP B 1 4 ? -2.545  2.554   -6.122  1.00 5.54  ? 10 1AP B "O5'" 1 
HETATM 193 C "C5'" . 1AP B 1 4 ? -1.523  1.527   -6.243  1.00 5.02  ? 10 1AP B "C5'" 1 
HETATM 194 C "C4'" . 1AP B 1 4 ? -0.648  1.979   -7.396  1.00 5.63  ? 10 1AP B "C4'" 1 
HETATM 195 O "O4'" . 1AP B 1 4 ? 0.011   3.161   -7.006  1.00 6.14  ? 10 1AP B "O4'" 1 
HETATM 196 C "C1'" . 1AP B 1 4 ? 1.435   3.034   -7.303  1.00 7.31  ? 10 1AP B "C1'" 1 
HETATM 197 C "C2'" . 1AP B 1 4 ? 1.680   1.718   -7.943  1.00 5.26  ? 10 1AP B "C2'" 1 
HETATM 198 C "C3'" . 1AP B 1 4 ? 0.411   0.930   -7.735  1.00 7.59  ? 10 1AP B "C3'" 1 
HETATM 199 O "O3'" . 1AP B 1 4 ? -0.049  0.164   -8.865  1.00 8.14  ? 10 1AP B "O3'" 1 
ATOM   200 P P     . DC  B 1 5 ? -0.383  -1.409  -8.734  1.00 11.62 ? 11 DC  B P     1 
ATOM   201 O OP1   . DC  B 1 5 ? -0.641  -1.780  -10.153 1.00 12.64 ? 11 DC  B OP1   1 
ATOM   202 O OP2   . DC  B 1 5 ? -1.389  -1.675  -7.694  1.00 11.88 ? 11 DC  B OP2   1 
ATOM   203 O "O5'" . DC  B 1 5 ? 1.079   -2.038  -8.357  1.00 8.57  ? 11 DC  B "O5'" 1 
ATOM   204 C "C5'" . DC  B 1 5 ? 1.319   -3.408  -8.713  1.00 8.35  ? 11 DC  B "C5'" 1 
ATOM   205 C "C4'" . DC  B 1 5 ? 1.812   -4.163  -7.542  1.00 4.39  ? 11 DC  B "C4'" 1 
ATOM   206 O "O4'" . DC  B 1 5 ? 3.021   -3.544  -7.051  1.00 5.90  ? 11 DC  B "O4'" 1 
ATOM   207 C "C3'" . DC  B 1 5 ? 0.896   -4.188  -6.344  1.00 4.54  ? 11 DC  B "C3'" 1 
ATOM   208 O "O3'" . DC  B 1 5 ? 0.939   -5.505  -5.821  1.00 7.11  ? 11 DC  B "O3'" 1 
ATOM   209 C "C2'" . DC  B 1 5 ? 1.465   -3.173  -5.347  1.00 6.10  ? 11 DC  B "C2'" 1 
ATOM   210 C "C1'" . DC  B 1 5 ? 2.922   -3.324  -5.629  1.00 3.38  ? 11 DC  B "C1'" 1 
ATOM   211 N N1    . DC  B 1 5 ? 3.677   -2.122  -5.305  1.00 4.05  ? 11 DC  B N1    1 
ATOM   212 C C2    . DC  B 1 5 ? 4.157   -1.974  -3.997  1.00 4.30  ? 11 DC  B C2    1 
ATOM   213 O O2    . DC  B 1 5 ? 4.009   -2.884  -3.192  1.00 5.48  ? 11 DC  B O2    1 
ATOM   214 N N3    . DC  B 1 5 ? 4.936   -0.892  -3.711  1.00 5.86  ? 11 DC  B N3    1 
ATOM   215 C C4    . DC  B 1 5 ? 5.193   0.077   -4.611  1.00 3.70  ? 11 DC  B C4    1 
ATOM   216 N N4    . DC  B 1 5 ? 5.882   1.191   -4.346  1.00 5.66  ? 11 DC  B N4    1 
ATOM   217 C C5    . DC  B 1 5 ? 4.594   -0.004  -5.948  1.00 4.60  ? 11 DC  B C5    1 
ATOM   218 C C6    . DC  B 1 5 ? 3.934   -1.149  -6.212  1.00 6.15  ? 11 DC  B C6    1 
ATOM   219 P P     . DG  B 1 6 ? -0.123  -6.614  -6.240  1.00 9.82  ? 12 DG  B P     1 
ATOM   220 O OP1   . DG  B 1 6 ? -1.415  -5.990  -6.202  1.00 10.14 ? 12 DG  B OP1   1 
ATOM   221 O OP2   . DG  B 1 6 ? 0.023   -7.804  -5.342  1.00 12.06 ? 12 DG  B OP2   1 
ATOM   222 O "O5'" . DG  B 1 6 ? 0.202   -6.947  -7.777  1.00 7.39  ? 12 DG  B "O5'" 1 
ATOM   223 C "C5'" . DG  B 1 6 ? 1.228   -7.880  -8.102  1.00 6.08  ? 12 DG  B "C5'" 1 
ATOM   224 C "C4'" . DG  B 1 6 ? 1.355   -7.894  -9.632  1.00 3.95  ? 12 DG  B "C4'" 1 
ATOM   225 O "O4'" . DG  B 1 6 ? 1.786   -6.632  -10.096 1.00 6.49  ? 12 DG  B "O4'" 1 
ATOM   226 C "C3'" . DG  B 1 6 ? 2.346   -8.927  -10.107 1.00 9.30  ? 12 DG  B "C3'" 1 
ATOM   227 O "O3'" . DG  B 1 6 ? 1.937   -9.501  -11.418 1.00 8.83  ? 12 DG  B "O3'" 1 
ATOM   228 C "C2'" . DG  B 1 6 ? 3.596   -8.106  -10.128 1.00 5.82  ? 12 DG  B "C2'" 1 
ATOM   229 C "C1'" . DG  B 1 6 ? 3.052   -6.853  -10.752 1.00 3.90  ? 12 DG  B "C1'" 1 
ATOM   230 N N9    . DG  B 1 6 ? 3.834   -5.633  -10.582 1.00 5.27  ? 12 DG  B N9    1 
ATOM   231 C C8    . DG  B 1 6 ? 3.965   -4.632  -11.517 1.00 8.01  ? 12 DG  B C8    1 
ATOM   232 N N7    . DG  B 1 6 ? 4.710   -3.617  -11.125 1.00 8.29  ? 12 DG  B N7    1 
ATOM   233 C C5    . DG  B 1 6 ? 5.062   -3.988  -9.815  1.00 5.98  ? 12 DG  B C5    1 
ATOM   234 C C6    . DG  B 1 6 ? 5.826   -3.306  -8.812  1.00 5.36  ? 12 DG  B C6    1 
ATOM   235 O O6    . DG  B 1 6 ? 6.346   -2.183  -8.964  1.00 6.73  ? 12 DG  B O6    1 
ATOM   236 N N1    . DG  B 1 6 ? 5.986   -3.995  -7.655  1.00 4.27  ? 12 DG  B N1    1 
ATOM   237 C C2    . DG  B 1 6 ? 5.392   -5.196  -7.415  1.00 6.43  ? 12 DG  B C2    1 
ATOM   238 N N2    . DG  B 1 6 ? 5.594   -5.778  -6.211  1.00 5.20  ? 12 DG  B N2    1 
ATOM   239 N N3    . DG  B 1 6 ? 4.672   -5.878  -8.326  1.00 4.43  ? 12 DG  B N3    1 
ATOM   240 C C4    . DG  B 1 6 ? 4.549   -5.202  -9.486  1.00 6.99  ? 12 DG  B C4    1 
HETATM 241 O O     . HOH C 2 . ? 2.020   -8.349  5.311   1.00 37.79 ? 18 HOH A O     1 
HETATM 242 O O     . HOH C 2 . ? 4.889   -5.492  0.957   1.00 13.57 ? 19 HOH A O     1 
HETATM 243 O O     . HOH C 2 . ? 12.201  1.097   -0.760  1.00 16.55 ? 20 HOH A O     1 
HETATM 244 O O     . HOH C 2 . ? -8.606  -2.632  11.565  1.00 17.64 ? 22 HOH A O     1 
HETATM 245 O O     . HOH C 2 . ? -3.265  -3.352  1.089   1.00 21.10 ? 27 HOH A O     1 
HETATM 246 O O     . HOH C 2 . ? 1.288   -3.863  -1.796  1.00 29.09 ? 28 HOH A O     1 
HETATM 247 O O     . HOH C 2 . ? -1.407  -1.522  -0.979  1.00 29.40 ? 33 HOH A O     1 
HETATM 248 O O     . HOH C 2 . ? 2.893   -2.140  8.974   1.00 37.53 ? 36 HOH A O     1 
HETATM 249 O O     . HOH C 2 . ? -11.622 -1.755  10.082  1.00 37.93 ? 39 HOH A O     1 
HETATM 250 O O     . HOH C 2 . ? 10.568  -9.336  -0.271  1.00 31.99 ? 40 HOH A O     1 
HETATM 251 O O     . HOH C 2 . ? -7.922  0.768   -0.622  1.00 23.86 ? 41 HOH A O     1 
HETATM 252 O O     . HOH C 2 . ? -6.808  -6.065  -1.890  1.00 39.99 ? 44 HOH A O     1 
HETATM 253 O O     . HOH C 2 . ? -9.249  -3.527  9.239   1.00 39.81 ? 46 HOH A O     1 
HETATM 254 O O     . HOH C 2 . ? 1.776   1.850   8.605   1.00 38.43 ? 53 HOH A O     1 
HETATM 255 O O     . HOH C 2 . ? -3.856  -0.435  -1.360  1.00 33.95 ? 55 HOH A O     1 
HETATM 256 O O     . HOH C 2 . ? 6.567   -6.586  -2.672  1.00 31.53 ? 56 HOH A O     1 
HETATM 257 O O     . HOH C 2 . ? 2.556   4.297   7.646   1.00 40.58 ? 60 HOH A O     1 
HETATM 258 O O     . HOH C 2 . ? -5.682  3.343   -0.446  1.00 31.86 ? 61 HOH A O     1 
HETATM 259 O O     . HOH C 2 . ? -4.942  1.264   0.433   1.00 18.22 ? 62 HOH A O     1 
HETATM 260 O O     . HOH C 2 . ? 6.781   -7.364  -0.175  1.00 20.51 ? 64 HOH A O     1 
HETATM 261 O O     . HOH C 2 . ? -4.092  -7.295  0.775   1.00 40.52 ? 67 HOH A O     1 
HETATM 262 O O     . HOH C 2 . ? 7.616   -8.206  4.235   1.00 38.13 ? 68 HOH A O     1 
HETATM 263 O O     . HOH C 2 . ? -7.216  0.903   -2.964  1.00 33.46 ? 69 HOH A O     1 
HETATM 264 O O     . HOH C 2 . ? 5.899   3.911   2.152   1.00 36.84 ? 71 HOH A O     1 
HETATM 265 O O     . HOH C 2 . ? -6.535  -7.836  4.346   1.00 37.04 ? 72 HOH A O     1 
HETATM 266 O O     . HOH C 2 . ? 4.225   -7.680  2.985   1.00 37.51 ? 75 HOH A O     1 
HETATM 267 O O     . HOH C 2 . ? 11.271  -7.184  4.709   1.00 36.87 ? 76 HOH A O     1 
HETATM 268 O O     . HOH C 2 . ? -1.170  -6.700  -1.430  1.00 35.27 ? 77 HOH A O     1 
HETATM 269 O O     . HOH C 2 . ? 2.271   -6.774  -0.428  1.00 38.50 ? 78 HOH A O     1 
HETATM 270 O O     . HOH C 2 . ? 5.015   -1.492  8.345   1.00 40.78 ? 79 HOH A O     1 
HETATM 271 O O     . HOH C 2 . ? 4.142   -8.110  6.979   1.00 36.80 ? 81 HOH A O     1 
HETATM 272 O O     . HOH C 2 . ? -5.425  -4.124  -0.038  1.00 36.82 ? 82 HOH A O     1 
HETATM 273 O O     . HOH C 2 . ? 12.390  -7.231  -0.737  0.48 19.57 ? 83 HOH A O     1 
HETATM 274 O O     . HOH C 2 . ? 11.725  -7.292  -2.847  0.55 16.10 ? 84 HOH A O     1 
HETATM 275 O O     . HOH C 2 . ? -6.535  -1.589  8.865   0.53 11.94 ? 91 HOH A O     1 
HETATM 276 O O     . HOH C 2 . ? -7.431  -1.970  9.004   0.53 6.72  ? 92 HOH A O     1 
HETATM 277 O O     . HOH C 2 . ? 9.735   2.080   -2.019  0.60 12.07 ? 95 HOH A O     1 
HETATM 278 O O     . HOH C 2 . ? 9.077   2.455   -2.839  0.57 14.75 ? 96 HOH A O     1 
HETATM 279 O O     . HOH D 2 . ? -4.322  5.609   -0.153  1.00 10.62 ? 13 HOH B O     1 
HETATM 280 O O     . HOH D 2 . ? 0.387   11.397  -1.704  1.00 13.50 ? 14 HOH B O     1 
HETATM 281 O O     . HOH D 2 . ? 1.324   8.447   -4.496  1.00 11.85 ? 15 HOH B O     1 
HETATM 282 O O     . HOH D 2 . ? 2.852   -8.815  -14.074 1.00 12.08 ? 16 HOH B O     1 
HETATM 283 O O     . HOH D 2 . ? -3.860  6.064   -5.531  1.00 8.86  ? 17 HOH B O     1 
HETATM 284 O O     . HOH D 2 . ? -7.985  5.911   2.576   1.00 20.43 ? 21 HOH B O     1 
HETATM 285 O O     . HOH D 2 . ? 3.914   -7.629  -4.592  1.00 30.08 ? 23 HOH B O     1 
HETATM 286 O O     . HOH D 2 . ? -4.419  12.646  4.863   1.00 13.97 ? 24 HOH B O     1 
HETATM 287 O O     . HOH D 2 . ? -6.527  7.218   0.473   1.00 12.24 ? 25 HOH B O     1 
HETATM 288 O O     . HOH D 2 . ? 2.188   -10.661 -16.357 1.00 17.79 ? 26 HOH B O     1 
HETATM 289 O O     . HOH D 2 . ? -1.155  12.507  -5.025  1.00 24.94 ? 29 HOH B O     1 
HETATM 290 O O     . HOH D 2 . ? -6.325  13.332  1.472   1.00 24.29 ? 30 HOH B O     1 
HETATM 291 O O     . HOH D 2 . ? 4.499   -0.112  -9.664  1.00 20.76 ? 31 HOH B O     1 
HETATM 292 O O     . HOH D 2 . ? 5.398   -7.633  -13.467 1.00 17.61 ? 32 HOH B O     1 
HETATM 293 O O     . HOH D 2 . ? -1.420  -1.617  -4.570  1.00 18.68 ? 34 HOH B O     1 
HETATM 294 O O     . HOH D 2 . ? 6.354   3.058   -6.401  1.00 29.23 ? 35 HOH B O     1 
HETATM 295 O O     . HOH D 2 . ? 4.859   2.300   -8.794  1.00 18.18 ? 37 HOH B O     1 
HETATM 296 O O     . HOH D 2 . ? -0.983  2.228   -11.248 1.00 19.08 ? 38 HOH B O     1 
HETATM 297 O O     . HOH D 2 . ? -6.653  2.925   -6.756  1.00 18.13 ? 42 HOH B O     1 
HETATM 298 O O     . HOH D 2 . ? -2.758  -3.802  -7.512  1.00 19.26 ? 43 HOH B O     1 
HETATM 299 O O     . HOH D 2 . ? -6.567  4.130   -3.258  1.00 27.52 ? 45 HOH B O     1 
HETATM 300 O O     . HOH D 2 . ? -4.712  10.511  -1.712  1.00 17.50 ? 47 HOH B O     1 
HETATM 301 O O     . HOH D 2 . ? -1.967  10.709  -2.975  1.00 19.55 ? 48 HOH B O     1 
HETATM 302 O O     . HOH D 2 . ? -3.838  2.852   10.864  1.00 20.34 ? 49 HOH B O     1 
HETATM 303 O O     . HOH D 2 . ? 4.068   4.292   4.588   1.00 37.73 ? 50 HOH B O     1 
HETATM 304 O O     . HOH D 2 . ? -2.204  -1.316  -12.227 1.00 30.80 ? 51 HOH B O     1 
HETATM 305 O O     . HOH D 2 . ? 4.090   7.160   -2.977  1.00 28.38 ? 52 HOH B O     1 
HETATM 306 O O     . HOH D 2 . ? -1.973  -4.508  -3.199  1.00 41.40 ? 54 HOH B O     1 
HETATM 307 O O     . HOH D 2 . ? 0.760   -2.346  -12.164 1.00 28.08 ? 57 HOH B O     1 
HETATM 308 O O     . HOH D 2 . ? 8.345   -0.601  -10.666 1.00 29.30 ? 58 HOH B O     1 
HETATM 309 O O     . HOH D 2 . ? -4.580  -3.740  -3.387  1.00 39.79 ? 59 HOH B O     1 
HETATM 310 O O     . HOH D 2 . ? 3.347   6.013   -0.767  1.00 35.87 ? 63 HOH B O     1 
HETATM 311 O O     . HOH D 2 . ? -5.449  0.376   10.582  1.00 29.60 ? 65 HOH B O     1 
HETATM 312 O O     . HOH D 2 . ? 5.853   5.500   -4.330  1.00 34.17 ? 66 HOH B O     1 
HETATM 313 O O     . HOH D 2 . ? 3.818   -5.528  -2.835  1.00 34.36 ? 70 HOH B O     1 
HETATM 314 O O     . HOH D 2 . ? -7.961  10.971  4.201   1.00 30.36 ? 73 HOH B O     1 
HETATM 315 O O     . HOH D 2 . ? 6.317   4.976   -0.633  1.00 38.24 ? 74 HOH B O     1 
HETATM 316 O O     . HOH D 2 . ? 5.171   1.735   5.221   1.00 33.46 ? 80 HOH B O     1 
HETATM 317 O O     . HOH D 2 . ? -4.768  8.098   -3.772  0.65 6.28  ? 85 HOH B O     1 
HETATM 318 O O     . HOH D 2 . ? -6.201  7.676   -3.628  0.76 12.37 ? 86 HOH B O     1 
HETATM 319 O O     . HOH D 2 . ? -4.016  0.147   -8.361  0.62 19.21 ? 87 HOH B O     1 
HETATM 320 O O     . HOH D 2 . ? -4.922  -0.762  -7.059  0.56 19.06 ? 88 HOH B O     1 
HETATM 321 O O     . HOH D 2 . ? 0.469   6.903   9.107   0.76 23.89 ? 89 HOH B O     1 
HETATM 322 O O     . HOH D 2 . ? 0.405   9.206   8.793   0.66 23.50 ? 90 HOH B O     1 
HETATM 323 O O     . HOH D 2 . ? -4.605  11.114  7.161   0.48 9.09  ? 93 HOH B O     1 
HETATM 324 O O     . HOH D 2 . ? -3.348  11.403  7.523   0.51 6.18  ? 94 HOH B O     1 
# 
